data_8KCV
#
_entry.id   8KCV
#
_cell.length_a   91.446
_cell.length_b   108.524
_cell.length_c   125.310
_cell.angle_alpha   90.00
_cell.angle_beta   90.00
_cell.angle_gamma   90.00
#
_symmetry.space_group_name_H-M   'P 21 21 21'
#
loop_
_entity.id
_entity.type
_entity.pdbx_description
1 polymer 'MHC class I antigen'
2 polymer Beta2-microglobulin
3 polymer 'peptide of AIV'
4 water water
#
loop_
_entity_poly.entity_id
_entity_poly.type
_entity_poly.pdbx_seq_one_letter_code
_entity_poly.pdbx_strand_id
1 'polypeptide(L)'
;EPHSLRYFYTAVSDPSPGVPQFVGVGYVDGEVFVRYDSETQRMKSRADWIAANTDQQYWDTETETLQSSEQIYRLNLETL
WGRYNQSKGSHTLQLMYGCDLLEDGSTRGFHQHGYEGRDFIALDKDMLTYTAADAAAQITKRKWEKDETFLEGRKFYLEN
TCIEWLRKYMSYGKDVLERRERPKVRVSGMEANKILTLSCRAHGFYPRPISISWLKDGVVQEQETQRGSTVPNSDGTYHI
WATIDVLPGDRDKYQCRVEHASLPQPGLFSW
;
A,D
2 'polypeptide(L)'
;EFGQAKAAPKVQVYSRHPATAGTENILNCYVEGFHPPKIDIALLKNGEPMKDVKYNDMSFGDDWTFQRLVYAPFTPTKSD
VYTCRVDHEAFTEPQSFRWEPDF
;
B,E
3 'polypeptide(L)' CAAMDDFQL C,F
#
# COMPACT_ATOMS: atom_id res chain seq x y z
N GLU A 1 2.87 -27.14 1.80
CA GLU A 1 4.20 -26.55 1.68
C GLU A 1 4.71 -26.56 0.22
N PRO A 2 4.85 -25.37 -0.37
CA PRO A 2 5.33 -25.25 -1.77
C PRO A 2 6.85 -25.23 -1.90
N HIS A 3 7.44 -26.34 -2.35
CA HIS A 3 8.88 -26.40 -2.54
C HIS A 3 9.29 -25.56 -3.75
N SER A 4 10.49 -24.99 -3.70
CA SER A 4 10.86 -24.03 -4.72
C SER A 4 12.35 -24.11 -5.02
N LEU A 5 12.69 -23.98 -6.31
CA LEU A 5 14.04 -23.67 -6.75
C LEU A 5 13.95 -22.35 -7.50
N ARG A 6 14.73 -21.35 -7.08
CA ARG A 6 14.67 -20.01 -7.67
C ARG A 6 16.06 -19.40 -7.80
N TYR A 7 16.25 -18.65 -8.87
CA TYR A 7 17.47 -17.89 -9.08
C TYR A 7 17.12 -16.41 -9.19
N PHE A 8 17.96 -15.57 -8.60
CA PHE A 8 17.76 -14.13 -8.62
C PHE A 8 19.03 -13.49 -9.14
N TYR A 9 18.93 -12.78 -10.25
CA TYR A 9 20.05 -12.05 -10.83
C TYR A 9 19.84 -10.55 -10.65
N THR A 10 20.91 -9.82 -10.36
CA THR A 10 20.84 -8.38 -10.18
C THR A 10 21.99 -7.73 -10.91
N ALA A 11 21.67 -6.83 -11.84
CA ALA A 11 22.64 -6.19 -12.72
C ALA A 11 22.47 -4.69 -12.61
N VAL A 12 23.52 -3.99 -12.21
CA VAL A 12 23.44 -2.55 -12.06
C VAL A 12 24.46 -1.88 -12.97
N SER A 13 24.13 -0.65 -13.37
CA SER A 13 25.06 0.16 -14.14
C SER A 13 26.10 0.84 -13.28
N ASP A 14 25.85 0.98 -11.97
CA ASP A 14 26.74 1.73 -11.09
C ASP A 14 26.90 0.96 -9.79
N PRO A 15 27.88 0.07 -9.72
CA PRO A 15 28.11 -0.64 -8.46
C PRO A 15 28.42 0.33 -7.33
N SER A 16 28.25 -0.16 -6.11
CA SER A 16 28.51 0.61 -4.90
C SER A 16 28.83 -0.38 -3.79
N PRO A 17 29.27 0.10 -2.59
CA PRO A 17 29.60 -0.84 -1.52
C PRO A 17 28.46 -1.81 -1.21
N GLY A 18 28.74 -3.12 -1.28
CA GLY A 18 27.73 -4.13 -1.08
C GLY A 18 26.98 -4.56 -2.32
N VAL A 19 27.20 -3.89 -3.46
CA VAL A 19 26.46 -4.12 -4.69
C VAL A 19 27.45 -4.28 -5.84
N PRO A 20 27.93 -5.49 -6.12
CA PRO A 20 28.75 -5.71 -7.32
C PRO A 20 27.90 -5.53 -8.57
N GLN A 21 28.58 -5.42 -9.72
CA GLN A 21 27.88 -5.18 -10.97
C GLN A 21 26.81 -6.22 -11.22
N PHE A 22 27.12 -7.50 -10.93
CA PHE A 22 26.21 -8.62 -11.18
C PHE A 22 26.27 -9.61 -10.03
N VAL A 23 25.10 -10.07 -9.59
CA VAL A 23 24.98 -11.07 -8.55
C VAL A 23 23.92 -12.06 -9.00
N GLY A 24 24.22 -13.35 -8.90
CA GLY A 24 23.21 -14.37 -9.12
C GLY A 24 23.14 -15.27 -7.91
N VAL A 25 21.96 -15.45 -7.33
CA VAL A 25 21.82 -16.23 -6.10
C VAL A 25 20.75 -17.28 -6.30
N GLY A 26 21.00 -18.49 -5.81
CA GLY A 26 20.07 -19.60 -5.95
C GLY A 26 19.48 -20.00 -4.60
N TYR A 27 18.18 -20.31 -4.62
CA TYR A 27 17.49 -20.67 -3.40
C TYR A 27 16.73 -21.98 -3.57
N VAL A 28 16.76 -22.82 -2.52
CA VAL A 28 15.89 -23.98 -2.44
C VAL A 28 15.00 -23.81 -1.23
N ASP A 29 13.70 -23.86 -1.45
CA ASP A 29 12.72 -23.76 -0.36
C ASP A 29 12.99 -22.54 0.50
N GLY A 30 13.33 -21.42 -0.15
CA GLY A 30 13.53 -20.15 0.51
C GLY A 30 14.91 -19.90 1.05
N GLU A 31 15.82 -20.88 0.99
CA GLU A 31 17.12 -20.77 1.63
C GLU A 31 18.22 -20.74 0.59
N VAL A 32 19.17 -19.81 0.76
CA VAL A 32 20.34 -19.73 -0.11
C VAL A 32 21.03 -21.08 -0.15
N PHE A 33 21.54 -21.45 -1.33
CA PHE A 33 22.50 -22.54 -1.45
C PHE A 33 23.63 -22.30 -2.44
N VAL A 34 23.52 -21.34 -3.38
CA VAL A 34 24.63 -20.97 -4.27
C VAL A 34 24.61 -19.48 -4.50
N ARG A 35 25.80 -18.94 -4.77
CA ARG A 35 25.98 -17.52 -5.06
C ARG A 35 27.07 -17.32 -6.09
N TYR A 36 26.84 -16.36 -7.00
CA TYR A 36 27.83 -15.92 -7.97
C TYR A 36 27.80 -14.41 -8.02
N ASP A 37 28.96 -13.79 -8.18
CA ASP A 37 29.00 -12.35 -8.41
C ASP A 37 30.15 -12.04 -9.35
N SER A 38 30.09 -10.83 -9.93
CA SER A 38 31.14 -10.36 -10.82
C SER A 38 32.43 -9.99 -10.08
N GLU A 39 32.39 -9.90 -8.76
CA GLU A 39 33.61 -9.78 -7.96
C GLU A 39 34.45 -11.04 -8.10
N THR A 40 33.88 -12.20 -7.77
CA THR A 40 34.66 -13.44 -7.81
C THR A 40 34.64 -14.09 -9.18
N GLN A 41 33.51 -14.00 -9.90
CA GLN A 41 33.29 -14.75 -11.13
C GLN A 41 33.31 -16.25 -10.85
N ARG A 42 32.61 -16.64 -9.78
CA ARG A 42 32.63 -18.02 -9.28
C ARG A 42 31.28 -18.37 -8.67
N MET A 43 30.71 -19.47 -9.13
CA MET A 43 29.60 -20.07 -8.40
C MET A 43 30.19 -20.70 -7.14
N LYS A 44 29.78 -20.21 -5.98
CA LYS A 44 30.29 -20.68 -4.71
C LYS A 44 29.16 -21.33 -3.93
N SER A 45 29.51 -22.34 -3.12
CA SER A 45 28.54 -22.98 -2.26
C SER A 45 28.14 -22.06 -1.12
N ARG A 46 26.84 -22.01 -0.84
CA ARG A 46 26.35 -21.24 0.31
C ARG A 46 25.58 -22.11 1.30
N ALA A 47 25.70 -23.44 1.19
CA ALA A 47 25.12 -24.37 2.15
C ALA A 47 25.90 -25.67 2.10
N ASP A 48 26.16 -26.25 3.27
CA ASP A 48 27.03 -27.43 3.33
C ASP A 48 26.47 -28.56 2.48
N TRP A 49 25.15 -28.75 2.52
CA TRP A 49 24.56 -29.92 1.88
C TRP A 49 24.71 -29.90 0.37
N ILE A 50 24.80 -28.72 -0.27
CA ILE A 50 25.03 -28.72 -1.72
C ILE A 50 26.50 -29.00 -2.02
N ALA A 51 27.40 -28.47 -1.20
CA ALA A 51 28.82 -28.74 -1.38
C ALA A 51 29.11 -30.23 -1.23
N ALA A 52 28.55 -30.85 -0.19
CA ALA A 52 28.80 -32.25 0.09
C ALA A 52 28.35 -33.19 -1.03
N ASN A 53 27.53 -32.72 -1.96
CA ASN A 53 26.87 -33.63 -2.88
C ASN A 53 27.13 -33.32 -4.34
N THR A 54 28.12 -32.49 -4.63
CA THR A 54 28.47 -32.12 -5.98
C THR A 54 29.96 -32.34 -6.17
N ASP A 55 30.37 -32.50 -7.43
CA ASP A 55 31.78 -32.54 -7.77
C ASP A 55 32.21 -31.20 -8.36
N GLN A 56 33.52 -31.03 -8.52
CA GLN A 56 34.05 -29.78 -9.08
C GLN A 56 33.52 -29.49 -10.48
N GLN A 57 33.09 -30.51 -11.21
CA GLN A 57 32.48 -30.24 -12.51
C GLN A 57 31.18 -29.44 -12.34
N TYR A 58 30.42 -29.72 -11.29
CA TYR A 58 29.20 -28.97 -11.03
C TYR A 58 29.49 -27.49 -10.89
N TRP A 59 30.44 -27.14 -10.00
CA TRP A 59 30.79 -25.74 -9.79
C TRP A 59 31.40 -25.13 -11.04
N ASP A 60 32.06 -25.94 -11.86
CA ASP A 60 32.64 -25.44 -13.10
C ASP A 60 31.57 -25.14 -14.15
N THR A 61 30.61 -26.03 -14.37
CA THR A 61 29.51 -25.71 -15.27
C THR A 61 28.71 -24.51 -14.75
N GLU A 62 28.33 -24.54 -13.47
CA GLU A 62 27.53 -23.46 -12.92
C GLU A 62 28.24 -22.12 -13.09
N THR A 63 29.56 -22.09 -12.86
CA THR A 63 30.33 -20.88 -13.08
C THR A 63 30.28 -20.46 -14.55
N GLU A 64 30.41 -21.41 -15.46
CA GLU A 64 30.32 -21.11 -16.89
C GLU A 64 28.97 -20.49 -17.23
N THR A 65 27.88 -21.11 -16.75
CA THR A 65 26.54 -20.58 -17.05
C THR A 65 26.40 -19.14 -16.59
N LEU A 66 26.90 -18.83 -15.40
CA LEU A 66 26.64 -17.50 -14.86
C LEU A 66 27.57 -16.45 -15.45
N GLN A 67 28.79 -16.84 -15.84
CA GLN A 67 29.65 -15.91 -16.57
C GLN A 67 28.99 -15.48 -17.87
N SER A 68 28.33 -16.42 -18.55
CA SER A 68 27.59 -16.05 -19.75
C SER A 68 26.44 -15.12 -19.41
N SER A 69 25.70 -15.43 -18.35
CA SER A 69 24.61 -14.57 -17.94
C SER A 69 25.13 -13.19 -17.56
N GLU A 70 26.28 -13.13 -16.89
CA GLU A 70 26.83 -11.85 -16.51
C GLU A 70 27.11 -11.00 -17.74
N GLN A 71 27.76 -11.60 -18.75
CA GLN A 71 28.00 -10.86 -19.99
C GLN A 71 26.67 -10.40 -20.61
N ILE A 72 25.68 -11.28 -20.63
CA ILE A 72 24.42 -10.98 -21.28
C ILE A 72 23.66 -9.88 -20.53
N TYR A 73 23.77 -9.82 -19.22
CA TYR A 73 23.06 -8.73 -18.56
C TYR A 73 23.79 -7.40 -18.72
N ARG A 74 25.11 -7.42 -18.94
CA ARG A 74 25.83 -6.21 -19.32
C ARG A 74 25.27 -5.68 -20.64
N LEU A 75 25.02 -6.58 -21.60
CA LEU A 75 24.41 -6.17 -22.86
C LEU A 75 22.97 -5.72 -22.64
N ASN A 76 22.22 -6.42 -21.81
CA ASN A 76 20.82 -6.07 -21.60
C ASN A 76 20.68 -4.66 -21.03
N LEU A 77 21.57 -4.25 -20.15
CA LEU A 77 21.49 -2.90 -19.62
C LEU A 77 21.66 -1.87 -20.74
N GLU A 78 22.69 -2.07 -21.58
CA GLU A 78 22.87 -1.18 -22.73
C GLU A 78 21.65 -1.20 -23.63
N THR A 79 21.13 -2.40 -23.92
CA THR A 79 19.91 -2.50 -24.72
C THR A 79 18.77 -1.66 -24.13
N LEU A 80 18.58 -1.72 -22.80
CA LEU A 80 17.47 -0.97 -22.23
C LEU A 80 17.76 0.53 -22.23
N TRP A 81 19.03 0.92 -22.20
CA TRP A 81 19.39 2.33 -22.32
C TRP A 81 18.98 2.88 -23.70
N GLY A 82 19.06 2.05 -24.73
CA GLY A 82 18.56 2.53 -25.99
C GLY A 82 17.06 2.47 -26.15
N ARG A 83 16.32 2.11 -25.09
CA ARG A 83 14.87 2.00 -25.18
C ARG A 83 14.13 3.08 -24.40
N TYR A 84 14.86 3.90 -23.65
CA TYR A 84 14.23 4.98 -22.87
C TYR A 84 15.07 6.24 -22.98
N ASN A 85 14.45 7.39 -22.76
CA ASN A 85 15.15 8.67 -22.84
C ASN A 85 15.77 9.08 -21.49
N GLN A 86 16.03 8.20 -20.55
CA GLN A 86 16.75 8.73 -19.35
C GLN A 86 18.23 8.78 -19.70
N SER A 87 18.95 9.73 -19.12
CA SER A 87 20.40 9.91 -19.40
C SER A 87 21.27 8.95 -18.58
N LYS A 88 22.24 9.54 -17.87
CA LYS A 88 23.25 8.80 -17.06
C LYS A 88 22.77 8.60 -15.62
N GLY A 89 21.92 7.61 -15.41
CA GLY A 89 21.35 7.39 -14.07
C GLY A 89 21.70 6.03 -13.51
N SER A 90 21.12 5.69 -12.36
CA SER A 90 21.42 4.38 -11.76
C SER A 90 20.47 3.38 -12.41
N HIS A 91 20.97 2.35 -13.08
CA HIS A 91 20.01 1.42 -13.69
C HIS A 91 20.12 0.08 -12.99
N THR A 92 18.97 -0.48 -12.69
CA THR A 92 18.85 -1.78 -11.99
C THR A 92 18.01 -2.75 -12.79
N LEU A 93 18.63 -3.85 -13.19
CA LEU A 93 17.91 -4.89 -13.90
C LEU A 93 17.91 -6.17 -13.07
N GLN A 94 16.73 -6.75 -12.91
CA GLN A 94 16.55 -7.88 -12.02
C GLN A 94 15.86 -9.02 -12.76
N LEU A 95 16.28 -10.24 -12.46
CA LEU A 95 15.65 -11.45 -12.99
C LEU A 95 15.33 -12.40 -11.85
N MET A 96 14.11 -12.94 -11.86
CA MET A 96 13.77 -14.06 -11.00
C MET A 96 13.18 -15.16 -11.87
N TYR A 97 13.64 -16.39 -11.67
CA TYR A 97 13.05 -17.50 -12.38
C TYR A 97 13.22 -18.78 -11.58
N GLY A 98 12.38 -19.75 -11.89
CA GLY A 98 12.42 -21.00 -11.19
C GLY A 98 11.05 -21.67 -11.24
N CYS A 99 10.87 -22.62 -10.32
CA CYS A 99 9.78 -23.57 -10.38
C CYS A 99 9.29 -23.88 -8.98
N ASP A 100 8.00 -24.08 -8.85
CA ASP A 100 7.38 -24.53 -7.62
C ASP A 100 6.85 -25.93 -7.81
N LEU A 101 7.10 -26.80 -6.84
CA LEU A 101 6.41 -28.08 -6.72
C LEU A 101 5.35 -27.91 -5.63
N LEU A 102 4.09 -27.96 -6.02
CA LEU A 102 3.03 -27.76 -5.05
C LEU A 102 2.72 -29.06 -4.33
N GLU A 103 1.70 -29.01 -3.46
CA GLU A 103 1.41 -30.14 -2.59
C GLU A 103 0.86 -31.34 -3.37
N ASP A 104 -0.06 -31.07 -4.30
CA ASP A 104 -0.74 -32.10 -5.08
C ASP A 104 0.14 -32.70 -6.17
N GLY A 105 1.37 -32.23 -6.34
CA GLY A 105 2.23 -32.68 -7.40
C GLY A 105 2.29 -31.73 -8.58
N SER A 106 1.32 -30.84 -8.74
CA SER A 106 1.35 -29.94 -9.87
C SER A 106 2.49 -28.95 -9.71
N THR A 107 2.78 -28.22 -10.78
CA THR A 107 4.01 -27.44 -10.88
C THR A 107 3.71 -26.09 -11.49
N ARG A 108 4.54 -25.11 -11.16
CA ARG A 108 4.50 -23.80 -11.80
C ARG A 108 5.92 -23.35 -12.07
N GLY A 109 6.05 -22.50 -13.09
CA GLY A 109 7.34 -21.96 -13.45
C GLY A 109 7.25 -20.45 -13.51
N PHE A 110 8.41 -19.80 -13.43
CA PHE A 110 8.45 -18.36 -13.39
C PHE A 110 9.65 -17.86 -14.17
N HIS A 111 9.47 -16.75 -14.86
CA HIS A 111 10.58 -16.06 -15.51
C HIS A 111 10.15 -14.60 -15.70
N GLN A 112 10.50 -13.75 -14.72
CA GLN A 112 10.09 -12.35 -14.73
C GLN A 112 11.27 -11.41 -14.54
N HIS A 113 11.29 -10.35 -15.36
CA HIS A 113 12.26 -9.28 -15.32
C HIS A 113 11.67 -8.05 -14.65
N GLY A 114 12.50 -7.32 -13.92
CA GLY A 114 12.16 -6.01 -13.43
C GLY A 114 13.21 -5.00 -13.87
N TYR A 115 12.75 -3.81 -14.25
CA TYR A 115 13.64 -2.71 -14.63
C TYR A 115 13.30 -1.49 -13.80
N GLU A 116 14.31 -0.89 -13.18
CA GLU A 116 14.09 0.26 -12.31
C GLU A 116 12.98 -0.04 -11.30
N GLY A 117 13.10 -1.15 -10.59
CA GLY A 117 12.16 -1.51 -9.52
C GLY A 117 10.73 -1.71 -9.94
N ARG A 118 10.47 -1.81 -11.23
CA ARG A 118 9.09 -2.03 -11.73
C ARG A 118 9.10 -3.30 -12.59
N ASP A 119 7.93 -3.83 -12.89
CA ASP A 119 7.82 -5.01 -13.78
C ASP A 119 8.28 -4.61 -15.17
N PHE A 120 8.93 -5.54 -15.84
CA PHE A 120 9.29 -5.28 -17.23
C PHE A 120 8.65 -6.31 -18.14
N ILE A 121 8.96 -7.59 -17.97
CA ILE A 121 8.38 -8.64 -18.80
C ILE A 121 8.29 -9.91 -17.95
N ALA A 122 7.19 -10.65 -18.08
CA ALA A 122 7.00 -11.86 -17.29
C ALA A 122 6.42 -12.99 -18.14
N LEU A 123 6.97 -14.20 -17.95
CA LEU A 123 6.41 -15.39 -18.58
C LEU A 123 5.04 -15.70 -18.00
N ASP A 124 4.07 -15.92 -18.87
CA ASP A 124 2.71 -16.23 -18.42
C ASP A 124 2.63 -17.68 -17.96
N LYS A 125 1.47 -18.06 -17.40
CA LYS A 125 1.30 -19.38 -16.81
C LYS A 125 1.39 -20.51 -17.84
N ASP A 126 0.93 -20.26 -19.07
CA ASP A 126 1.09 -21.25 -20.13
C ASP A 126 2.55 -21.47 -20.52
N MET A 127 3.41 -20.49 -20.24
CA MET A 127 4.85 -20.55 -20.48
C MET A 127 5.21 -20.46 -21.96
N LEU A 128 4.32 -19.89 -22.76
CA LEU A 128 4.59 -19.71 -24.19
C LEU A 128 4.34 -18.30 -24.68
N THR A 129 3.77 -17.42 -23.85
CA THR A 129 3.60 -16.01 -24.13
C THR A 129 4.10 -15.20 -22.95
N TYR A 130 4.44 -13.94 -23.20
CA TYR A 130 4.89 -13.04 -22.15
C TYR A 130 3.97 -11.84 -22.02
N THR A 131 3.94 -11.25 -20.82
CA THR A 131 3.29 -9.98 -20.59
C THR A 131 4.36 -8.88 -20.51
N ALA A 132 4.28 -7.93 -21.44
CA ALA A 132 5.14 -6.76 -21.40
C ALA A 132 4.45 -5.65 -20.63
N ALA A 133 5.19 -4.99 -19.74
CA ALA A 133 4.60 -3.90 -18.97
C ALA A 133 4.54 -2.59 -19.74
N ASP A 134 5.43 -2.38 -20.72
CA ASP A 134 5.47 -1.11 -21.43
C ASP A 134 5.94 -1.37 -22.86
N ALA A 135 6.07 -0.28 -23.64
CA ALA A 135 6.45 -0.40 -25.03
C ALA A 135 7.90 -0.86 -25.18
N ALA A 136 8.77 -0.42 -24.28
CA ALA A 136 10.15 -0.90 -24.31
C ALA A 136 10.18 -2.41 -24.12
N ALA A 137 9.35 -2.92 -23.21
CA ALA A 137 9.33 -4.36 -22.96
C ALA A 137 8.66 -5.12 -24.10
N GLN A 138 7.75 -4.47 -24.82
CA GLN A 138 7.07 -5.12 -25.94
C GLN A 138 8.01 -5.41 -27.09
N ILE A 139 9.12 -4.67 -27.22
CA ILE A 139 10.13 -5.01 -28.22
C ILE A 139 10.75 -6.36 -27.91
N THR A 140 11.07 -6.60 -26.62
CA THR A 140 11.54 -7.94 -26.22
C THR A 140 10.50 -9.00 -26.56
N LYS A 141 9.23 -8.73 -26.25
CA LYS A 141 8.19 -9.75 -26.41
C LYS A 141 8.06 -10.19 -27.87
N ARG A 142 7.88 -9.25 -28.80
CA ARG A 142 7.74 -9.61 -30.20
C ARG A 142 8.96 -10.39 -30.68
N LYS A 143 10.14 -9.91 -30.30
CA LYS A 143 11.39 -10.60 -30.59
C LYS A 143 11.37 -12.05 -30.10
N TRP A 144 10.90 -12.27 -28.86
CA TRP A 144 11.00 -13.60 -28.25
C TRP A 144 9.88 -14.53 -28.70
N GLU A 145 8.62 -14.08 -28.72
CA GLU A 145 7.54 -14.94 -29.16
C GLU A 145 7.66 -15.33 -30.63
N LYS A 146 8.65 -14.82 -31.35
CA LYS A 146 8.85 -15.25 -32.72
C LYS A 146 9.67 -16.53 -32.82
N ASP A 147 10.39 -16.88 -31.74
CA ASP A 147 11.43 -17.91 -31.79
C ASP A 147 10.88 -19.16 -31.12
N GLU A 148 10.28 -20.04 -31.94
CA GLU A 148 9.62 -21.23 -31.44
C GLU A 148 10.55 -22.08 -30.57
N THR A 149 11.78 -22.30 -31.03
CA THR A 149 12.66 -23.18 -30.26
C THR A 149 13.09 -22.54 -28.95
N PHE A 150 13.28 -21.21 -28.93
CA PHE A 150 13.62 -20.58 -27.66
C PHE A 150 12.47 -20.66 -26.67
N LEU A 151 11.24 -20.49 -27.16
CA LEU A 151 10.10 -20.63 -26.27
C LEU A 151 10.03 -22.04 -25.69
N GLU A 152 10.17 -23.06 -26.54
CA GLU A 152 10.13 -24.44 -26.05
C GLU A 152 11.26 -24.70 -25.06
N GLY A 153 12.47 -24.26 -25.37
CA GLY A 153 13.59 -24.45 -24.46
C GLY A 153 13.27 -23.99 -23.06
N ARG A 154 12.76 -22.76 -22.92
CA ARG A 154 12.49 -22.22 -21.59
C ARG A 154 11.39 -23.00 -20.88
N LYS A 155 10.31 -23.29 -21.62
CA LYS A 155 9.21 -24.06 -21.02
C LYS A 155 9.73 -25.38 -20.50
N PHE A 156 10.61 -26.03 -21.28
CA PHE A 156 11.15 -27.32 -20.88
C PHE A 156 12.07 -27.19 -19.67
N TYR A 157 12.94 -26.17 -19.65
CA TYR A 157 13.79 -25.97 -18.48
C TYR A 157 12.93 -25.84 -17.22
N LEU A 158 11.91 -24.99 -17.26
CA LEU A 158 11.15 -24.72 -16.05
C LEU A 158 10.26 -25.90 -15.69
N GLU A 159 9.73 -26.61 -16.69
CA GLU A 159 8.83 -27.73 -16.42
C GLU A 159 9.59 -28.99 -16.07
N ASN A 160 10.73 -29.22 -16.72
CA ASN A 160 11.46 -30.47 -16.55
C ASN A 160 12.74 -30.24 -15.77
N THR A 161 13.73 -29.54 -16.36
CA THR A 161 15.04 -29.49 -15.71
C THR A 161 14.96 -28.87 -14.33
N CYS A 162 14.31 -27.71 -14.22
CA CYS A 162 14.23 -27.01 -12.93
C CYS A 162 13.62 -27.88 -11.85
N ILE A 163 12.51 -28.54 -12.18
CA ILE A 163 11.77 -29.33 -11.20
C ILE A 163 12.55 -30.55 -10.75
N GLU A 164 13.26 -31.19 -11.67
CA GLU A 164 13.94 -32.42 -11.25
C GLU A 164 15.24 -32.10 -10.50
N TRP A 165 15.94 -31.04 -10.88
CA TRP A 165 17.06 -30.58 -10.05
C TRP A 165 16.58 -30.09 -8.70
N LEU A 166 15.36 -29.54 -8.62
CA LEU A 166 14.80 -29.23 -7.30
C LEU A 166 14.66 -30.50 -6.46
N ARG A 167 14.17 -31.60 -7.06
CA ARG A 167 14.03 -32.84 -6.31
C ARG A 167 15.38 -33.37 -5.87
N LYS A 168 16.38 -33.30 -6.75
CA LYS A 168 17.73 -33.71 -6.39
C LYS A 168 18.21 -32.90 -5.19
N TYR A 169 18.09 -31.57 -5.29
CA TYR A 169 18.50 -30.70 -4.19
C TYR A 169 17.73 -31.04 -2.91
N MET A 170 16.42 -31.29 -3.01
CA MET A 170 15.67 -31.66 -1.81
C MET A 170 16.25 -32.93 -1.18
N SER A 171 16.67 -33.91 -1.98
CA SER A 171 17.35 -35.07 -1.43
C SER A 171 18.64 -34.67 -0.75
N TYR A 172 19.49 -33.94 -1.47
CA TYR A 172 20.78 -33.54 -0.95
C TYR A 172 20.65 -32.89 0.43
N GLY A 173 19.64 -32.06 0.62
CA GLY A 173 19.56 -31.24 1.81
C GLY A 173 18.45 -31.60 2.78
N LYS A 174 17.88 -32.80 2.69
CA LYS A 174 16.75 -33.17 3.54
C LYS A 174 17.02 -32.86 5.02
N ASP A 175 18.16 -33.28 5.54
CA ASP A 175 18.37 -33.16 6.98
C ASP A 175 18.50 -31.71 7.41
N VAL A 176 18.95 -30.81 6.54
CA VAL A 176 18.91 -29.40 6.89
C VAL A 176 17.52 -28.82 6.61
N LEU A 177 16.96 -29.13 5.43
CA LEU A 177 15.77 -28.45 4.94
C LEU A 177 14.52 -28.81 5.74
N GLU A 178 14.41 -30.04 6.22
CA GLU A 178 13.24 -30.51 6.94
C GLU A 178 13.53 -30.67 8.44
N ARG A 179 14.63 -30.10 8.91
CA ARG A 179 14.86 -30.03 10.34
C ARG A 179 13.85 -29.10 10.99
N ARG A 180 13.77 -29.17 12.32
CA ARG A 180 12.92 -28.31 13.12
C ARG A 180 13.75 -27.67 14.22
N GLU A 181 13.60 -26.36 14.40
CA GLU A 181 14.21 -25.67 15.53
C GLU A 181 13.13 -24.90 16.26
N ARG A 182 13.12 -25.05 17.59
CA ARG A 182 12.06 -24.51 18.43
C ARG A 182 12.24 -23.01 18.65
N PRO A 183 11.17 -22.23 18.59
CA PRO A 183 11.30 -20.83 19.02
C PRO A 183 11.51 -20.75 20.53
N LYS A 184 12.46 -19.91 20.94
CA LYS A 184 12.59 -19.46 22.32
C LYS A 184 11.78 -18.17 22.44
N VAL A 185 10.69 -18.21 23.20
CA VAL A 185 9.70 -17.14 23.23
C VAL A 185 9.79 -16.40 24.55
N ARG A 186 9.73 -15.07 24.50
CA ARG A 186 9.65 -14.22 25.68
C ARG A 186 8.62 -13.13 25.47
N VAL A 187 7.70 -12.99 26.43
CA VAL A 187 6.71 -11.91 26.47
C VAL A 187 7.24 -10.79 27.38
N SER A 188 7.29 -9.59 26.85
CA SER A 188 7.74 -8.42 27.59
C SER A 188 6.61 -7.42 27.61
N GLY A 189 6.68 -6.46 28.52
CA GLY A 189 5.67 -5.44 28.57
C GLY A 189 6.15 -4.24 29.33
N MET A 190 5.51 -3.13 29.02
CA MET A 190 5.80 -1.83 29.64
C MET A 190 4.47 -1.18 29.94
N GLU A 191 4.14 -1.06 31.21
CA GLU A 191 2.89 -0.34 31.49
C GLU A 191 3.26 1.15 31.47
N ALA A 192 2.44 1.93 30.77
CA ALA A 192 2.61 3.39 30.75
C ALA A 192 1.60 3.96 31.74
N ASN A 193 1.27 5.23 31.60
CA ASN A 193 0.33 5.76 32.62
C ASN A 193 -1.01 5.03 32.51
N LYS A 194 -1.55 4.85 31.32
CA LYS A 194 -2.87 4.18 31.27
C LYS A 194 -2.84 2.92 30.41
N ILE A 195 -1.76 2.67 29.68
CA ILE A 195 -1.81 1.53 28.73
C ILE A 195 -0.57 0.65 28.81
N LEU A 196 -0.78 -0.65 28.96
CA LEU A 196 0.29 -1.65 29.01
C LEU A 196 0.38 -2.32 27.64
N THR A 197 1.52 -2.21 26.97
CA THR A 197 1.64 -2.87 25.69
C THR A 197 2.47 -4.13 25.91
N LEU A 198 1.91 -5.27 25.55
CA LEU A 198 2.60 -6.53 25.68
C LEU A 198 3.34 -6.83 24.38
N SER A 199 4.49 -7.49 24.50
CA SER A 199 5.33 -7.80 23.35
C SER A 199 5.77 -9.25 23.40
N CYS A 200 5.38 -10.01 22.38
CA CYS A 200 5.75 -11.41 22.27
C CYS A 200 6.82 -11.56 21.20
N ARG A 201 8.01 -12.01 21.59
CA ARG A 201 9.11 -12.24 20.65
C ARG A 201 9.47 -13.72 20.56
N ALA A 202 9.52 -14.23 19.33
CA ALA A 202 9.92 -15.62 19.05
C ALA A 202 11.28 -15.63 18.37
N HIS A 203 12.28 -16.18 19.07
CA HIS A 203 13.67 -16.21 18.63
C HIS A 203 14.08 -17.59 18.12
N GLY A 204 14.59 -17.63 16.89
CA GLY A 204 15.31 -18.79 16.39
C GLY A 204 14.50 -19.98 15.96
N PHE A 205 13.35 -19.77 15.34
CA PHE A 205 12.55 -20.89 14.87
C PHE A 205 12.89 -21.25 13.42
N TYR A 206 12.76 -22.53 13.11
CA TYR A 206 12.92 -23.06 11.75
C TYR A 206 12.00 -24.26 11.67
N PRO A 207 11.19 -24.42 10.60
CA PRO A 207 11.13 -23.64 9.35
C PRO A 207 10.45 -22.28 9.48
N ARG A 208 10.42 -21.51 8.38
CA ARG A 208 9.99 -20.11 8.36
C ARG A 208 8.52 -19.89 8.66
N PRO A 209 7.59 -20.71 8.18
CA PRO A 209 6.18 -20.45 8.47
C PRO A 209 5.90 -20.52 9.98
N ILE A 210 5.11 -19.56 10.45
CA ILE A 210 4.80 -19.42 11.87
C ILE A 210 3.51 -18.63 11.99
N SER A 211 2.77 -18.90 13.05
CA SER A 211 1.58 -18.11 13.36
C SER A 211 1.68 -17.66 14.81
N ILE A 212 1.66 -16.34 15.03
CA ILE A 212 1.78 -15.74 16.36
C ILE A 212 0.60 -14.81 16.54
N SER A 213 -0.19 -15.04 17.59
CA SER A 213 -1.43 -14.30 17.79
C SER A 213 -1.63 -14.05 19.28
N TRP A 214 -2.44 -13.05 19.59
CA TRP A 214 -2.66 -12.66 20.98
C TRP A 214 -4.08 -13.05 21.39
N LEU A 215 -4.18 -13.57 22.61
CA LEU A 215 -5.41 -14.16 23.11
C LEU A 215 -5.84 -13.39 24.34
N LYS A 216 -7.13 -13.06 24.40
CA LYS A 216 -7.79 -12.66 25.64
C LYS A 216 -8.70 -13.80 26.06
N ASP A 217 -8.48 -14.31 27.28
CA ASP A 217 -9.17 -15.48 27.82
C ASP A 217 -9.38 -16.56 26.76
N GLY A 218 -8.29 -16.85 26.03
CA GLY A 218 -8.26 -17.88 25.00
C GLY A 218 -8.91 -17.49 23.68
N VAL A 219 -9.28 -16.24 23.51
CA VAL A 219 -10.02 -15.78 22.34
C VAL A 219 -9.13 -14.80 21.58
N VAL A 220 -8.96 -15.03 20.29
CA VAL A 220 -7.97 -14.27 19.52
C VAL A 220 -8.37 -12.80 19.44
N GLN A 221 -7.39 -11.92 19.48
CA GLN A 221 -7.58 -10.48 19.33
C GLN A 221 -6.90 -10.04 18.05
N GLU A 222 -7.41 -10.53 16.93
CA GLU A 222 -6.73 -10.31 15.65
C GLU A 222 -6.69 -8.84 15.27
N GLN A 223 -7.77 -8.11 15.50
CA GLN A 223 -7.78 -6.71 15.13
C GLN A 223 -6.86 -5.88 16.01
N GLU A 224 -6.66 -6.30 17.26
CA GLU A 224 -5.80 -5.58 18.20
C GLU A 224 -4.32 -5.95 18.09
N THR A 225 -3.95 -7.02 17.36
CA THR A 225 -2.57 -7.46 17.30
C THR A 225 -1.81 -6.79 16.16
N GLN A 226 -0.55 -6.45 16.44
CA GLN A 226 0.37 -5.80 15.51
C GLN A 226 1.57 -6.73 15.33
N ARG A 227 1.82 -7.17 14.09
CA ARG A 227 2.86 -8.15 13.81
C ARG A 227 4.00 -7.53 13.01
N GLY A 228 5.23 -7.74 13.46
CA GLY A 228 6.35 -7.56 12.58
C GLY A 228 6.37 -8.64 11.50
N SER A 229 7.19 -8.40 10.48
CA SER A 229 7.36 -9.43 9.47
C SER A 229 8.41 -10.44 9.92
N THR A 230 8.24 -11.67 9.48
CA THR A 230 9.24 -12.68 9.77
C THR A 230 10.57 -12.28 9.13
N VAL A 231 11.63 -12.30 9.93
CA VAL A 231 12.94 -11.82 9.50
C VAL A 231 14.01 -12.80 9.98
N PRO A 232 15.09 -12.95 9.21
CA PRO A 232 16.04 -14.02 9.49
C PRO A 232 17.08 -13.66 10.52
N ASN A 233 17.56 -14.70 11.22
CA ASN A 233 18.78 -14.64 12.01
C ASN A 233 19.95 -15.09 11.15
N SER A 234 21.16 -14.89 11.68
CA SER A 234 22.39 -15.23 10.96
C SER A 234 22.51 -16.72 10.65
N ASP A 235 22.00 -17.61 11.50
CA ASP A 235 22.20 -19.05 11.31
C ASP A 235 21.05 -19.74 10.60
N GLY A 236 20.31 -19.01 9.77
CA GLY A 236 19.23 -19.63 9.01
C GLY A 236 17.96 -19.84 9.78
N THR A 237 17.86 -19.41 11.04
CA THR A 237 16.62 -19.43 11.78
C THR A 237 15.91 -18.08 11.68
N TYR A 238 14.74 -17.94 12.30
CA TYR A 238 13.90 -16.80 12.06
C TYR A 238 13.41 -16.18 13.37
N HIS A 239 12.72 -15.04 13.23
CA HIS A 239 12.39 -14.14 14.33
C HIS A 239 11.10 -13.41 13.98
N ILE A 240 10.21 -13.25 14.96
CA ILE A 240 8.99 -12.47 14.79
C ILE A 240 8.59 -11.92 16.15
N TRP A 241 7.95 -10.75 16.16
CA TRP A 241 7.35 -10.17 17.35
C TRP A 241 5.89 -9.84 17.04
N ALA A 242 5.07 -9.81 18.09
CA ALA A 242 3.67 -9.39 18.01
C ALA A 242 3.34 -8.61 19.26
N THR A 243 2.80 -7.41 19.11
CA THR A 243 2.44 -6.62 20.28
C THR A 243 0.93 -6.44 20.34
N ILE A 244 0.44 -6.12 21.54
CA ILE A 244 -0.96 -5.74 21.72
C ILE A 244 -1.02 -4.80 22.92
N ASP A 245 -1.82 -3.75 22.79
CA ASP A 245 -2.06 -2.82 23.88
C ASP A 245 -3.20 -3.34 24.74
N VAL A 246 -3.06 -3.27 26.07
CA VAL A 246 -4.07 -3.83 26.95
C VAL A 246 -4.27 -2.91 28.16
N LEU A 247 -5.44 -3.00 28.76
CA LEU A 247 -5.67 -2.28 30.00
C LEU A 247 -4.86 -2.94 31.11
N PRO A 248 -4.11 -2.17 31.91
CA PRO A 248 -3.23 -2.78 32.92
C PRO A 248 -3.91 -3.76 33.84
N GLY A 249 -5.07 -3.39 34.39
CA GLY A 249 -5.78 -4.29 35.29
C GLY A 249 -6.20 -5.60 34.64
N ASP A 250 -6.30 -5.65 33.32
CA ASP A 250 -6.69 -6.88 32.64
C ASP A 250 -5.48 -7.71 32.18
N ARG A 251 -4.27 -7.33 32.63
CA ARG A 251 -3.01 -8.02 32.32
C ARG A 251 -3.16 -9.53 32.30
N ASP A 252 -3.73 -10.10 33.37
CA ASP A 252 -3.70 -11.53 33.62
C ASP A 252 -4.44 -12.34 32.59
N LYS A 253 -5.24 -11.69 31.75
CA LYS A 253 -6.10 -12.37 30.77
C LYS A 253 -5.41 -12.67 29.44
N TYR A 254 -4.14 -12.30 29.28
CA TYR A 254 -3.49 -12.21 27.98
C TYR A 254 -2.32 -13.17 27.90
N GLN A 255 -2.31 -13.97 26.83
CA GLN A 255 -1.22 -14.88 26.53
C GLN A 255 -0.98 -14.88 25.04
N CYS A 256 0.29 -14.99 24.66
CA CYS A 256 0.73 -15.07 23.29
C CYS A 256 0.74 -16.53 22.83
N ARG A 257 0.10 -16.80 21.69
CA ARG A 257 0.01 -18.15 21.14
C ARG A 257 0.87 -18.28 19.88
N VAL A 258 1.76 -19.27 19.88
CA VAL A 258 2.68 -19.54 18.77
C VAL A 258 2.34 -20.89 18.17
N GLU A 259 2.04 -20.89 16.88
CA GLU A 259 1.77 -22.10 16.13
C GLU A 259 2.95 -22.33 15.20
N HIS A 260 3.63 -23.46 15.37
CA HIS A 260 4.85 -23.69 14.62
C HIS A 260 5.15 -25.18 14.57
N ALA A 261 5.72 -25.61 13.44
CA ALA A 261 5.97 -27.02 13.16
C ALA A 261 6.83 -27.70 14.24
N SER A 262 7.77 -26.96 14.82
CA SER A 262 8.63 -27.49 15.86
C SER A 262 7.92 -27.68 17.18
N LEU A 263 6.69 -27.15 17.34
CA LEU A 263 6.01 -27.30 18.62
C LEU A 263 4.96 -28.40 18.52
N PRO A 264 4.92 -29.32 19.50
CA PRO A 264 3.96 -30.45 19.42
C PRO A 264 2.52 -30.01 19.34
N GLN A 265 2.15 -28.96 20.06
CA GLN A 265 0.87 -28.28 20.01
C GLN A 265 1.17 -26.81 19.99
N PRO A 266 0.21 -25.97 19.60
CA PRO A 266 0.39 -24.52 19.77
C PRO A 266 0.81 -24.19 21.19
N GLY A 267 1.88 -23.40 21.31
CA GLY A 267 2.41 -22.97 22.60
C GLY A 267 1.78 -21.67 23.07
N LEU A 268 1.61 -21.56 24.38
CA LEU A 268 1.07 -20.36 25.01
C LEU A 268 2.15 -19.74 25.88
N PHE A 269 2.22 -18.42 25.91
CA PHE A 269 3.24 -17.74 26.70
C PHE A 269 2.62 -16.50 27.33
N SER A 270 3.18 -16.12 28.49
CA SER A 270 2.62 -15.15 29.43
C SER A 270 3.69 -14.16 29.87
N TRP A 271 3.26 -12.96 30.25
CA TRP A 271 4.20 -12.03 30.86
C TRP A 271 4.45 -12.38 32.32
N GLY B 3 8.39 5.55 -14.73
CA GLY B 3 9.71 6.06 -14.33
C GLY B 3 10.39 5.19 -13.29
N GLN B 4 11.34 5.77 -12.55
CA GLN B 4 12.09 5.03 -11.51
C GLN B 4 11.20 4.88 -10.25
N ALA B 5 10.96 3.64 -9.88
CA ALA B 5 10.19 3.24 -8.71
C ALA B 5 11.18 3.13 -7.57
N LYS B 6 11.14 4.10 -6.66
CA LYS B 6 11.99 4.10 -5.49
C LYS B 6 11.14 3.68 -4.30
N ALA B 7 11.81 3.17 -3.26
CA ALA B 7 11.12 2.63 -2.11
C ALA B 7 11.99 2.83 -0.88
N ALA B 8 11.40 3.25 0.15
CA ALA B 8 12.23 3.49 1.32
C ALA B 8 12.37 2.21 2.16
N PRO B 9 13.50 2.02 2.86
CA PRO B 9 13.68 0.82 3.68
C PRO B 9 12.67 0.73 4.81
N LYS B 10 12.47 -0.48 5.29
CA LYS B 10 11.83 -0.74 6.56
C LYS B 10 12.83 -1.54 7.38
N VAL B 11 12.95 -1.20 8.67
CA VAL B 11 14.05 -1.67 9.51
C VAL B 11 13.49 -2.31 10.78
N GLN B 12 14.11 -3.42 11.19
CA GLN B 12 13.81 -4.09 12.46
C GLN B 12 15.13 -4.40 13.14
N VAL B 13 15.23 -4.07 14.42
CA VAL B 13 16.43 -4.36 15.22
C VAL B 13 16.04 -5.30 16.35
N TYR B 14 16.84 -6.35 16.56
CA TYR B 14 16.46 -7.49 17.40
C TYR B 14 17.69 -8.32 17.70
N SER B 15 17.65 -9.03 18.82
CA SER B 15 18.75 -9.89 19.20
C SER B 15 18.42 -11.34 18.88
N ARG B 16 19.47 -12.13 18.65
CA ARG B 16 19.29 -13.53 18.26
C ARG B 16 18.54 -14.31 19.32
N HIS B 17 18.87 -14.09 20.59
CA HIS B 17 18.22 -14.73 21.72
C HIS B 17 17.65 -13.66 22.64
N PRO B 18 16.63 -14.00 23.43
CA PRO B 18 16.17 -13.07 24.46
C PRO B 18 17.35 -12.62 25.30
N ALA B 19 17.42 -11.32 25.59
CA ALA B 19 18.62 -10.74 26.17
C ALA B 19 18.64 -10.90 27.68
N THR B 20 19.85 -11.12 28.21
CA THR B 20 20.17 -11.07 29.63
C THR B 20 21.40 -10.21 29.81
N ALA B 21 21.31 -9.21 30.70
CA ALA B 21 22.41 -8.28 30.92
C ALA B 21 23.72 -9.01 31.24
N GLY B 22 24.73 -8.79 30.40
CA GLY B 22 26.02 -9.41 30.59
C GLY B 22 26.20 -10.75 29.92
N THR B 23 25.24 -11.21 29.12
CA THR B 23 25.36 -12.48 28.42
C THR B 23 25.50 -12.23 26.92
N GLU B 24 26.57 -12.78 26.33
CA GLU B 24 26.85 -12.59 24.91
C GLU B 24 25.67 -13.00 24.04
N ASN B 25 25.52 -12.30 22.92
CA ASN B 25 24.35 -12.42 22.06
C ASN B 25 24.77 -11.98 20.67
N ILE B 26 23.80 -11.91 19.76
CA ILE B 26 24.02 -11.33 18.44
C ILE B 26 22.95 -10.28 18.18
N LEU B 27 23.38 -9.07 17.81
CA LEU B 27 22.49 -7.98 17.45
C LEU B 27 22.24 -8.00 15.93
N ASN B 28 20.96 -8.02 15.56
CA ASN B 28 20.52 -8.09 14.18
C ASN B 28 19.83 -6.80 13.76
N CYS B 29 20.11 -6.36 12.54
CA CYS B 29 19.37 -5.28 11.90
C CYS B 29 18.98 -5.77 10.52
N TYR B 30 17.68 -5.80 10.23
CA TYR B 30 17.17 -6.31 8.96
C TYR B 30 16.51 -5.19 8.17
N VAL B 31 17.14 -4.79 7.09
CA VAL B 31 16.67 -3.69 6.25
C VAL B 31 16.01 -4.30 5.01
N GLU B 32 14.75 -3.96 4.75
CA GLU B 32 13.99 -4.53 3.64
C GLU B 32 13.08 -3.48 3.02
N GLY B 33 12.61 -3.79 1.82
CA GLY B 33 11.70 -2.93 1.10
C GLY B 33 12.31 -1.78 0.33
N PHE B 34 13.58 -1.84 -0.05
CA PHE B 34 14.25 -0.66 -0.59
C PHE B 34 14.72 -0.86 -2.03
N HIS B 35 14.60 0.20 -2.82
CA HIS B 35 15.02 0.29 -4.21
C HIS B 35 15.44 1.74 -4.37
N PRO B 36 16.61 2.03 -4.95
CA PRO B 36 17.61 1.13 -5.54
C PRO B 36 18.42 0.33 -4.51
N PRO B 37 19.24 -0.60 -4.99
CA PRO B 37 19.97 -1.47 -4.06
C PRO B 37 21.00 -0.71 -3.26
N LYS B 38 21.51 0.42 -3.75
CA LYS B 38 22.56 1.16 -3.08
C LYS B 38 22.09 1.63 -1.71
N ILE B 39 22.84 1.26 -0.67
CA ILE B 39 22.42 1.54 0.72
C ILE B 39 23.67 1.51 1.61
N ASP B 40 23.58 2.17 2.76
CA ASP B 40 24.57 2.02 3.83
C ASP B 40 23.86 1.65 5.12
N ILE B 41 24.35 0.60 5.79
CA ILE B 41 23.74 0.08 7.02
C ILE B 41 24.85 -0.08 8.05
N ALA B 42 24.71 0.59 9.19
CA ALA B 42 25.73 0.57 10.23
C ALA B 42 25.10 0.13 11.54
N LEU B 43 25.86 -0.63 12.35
CA LEU B 43 25.48 -0.97 13.71
C LEU B 43 26.28 -0.12 14.66
N LEU B 44 25.60 0.46 15.65
CA LEU B 44 26.18 1.50 16.48
C LEU B 44 26.01 1.16 17.95
N LYS B 45 27.10 1.29 18.73
CA LYS B 45 27.12 1.13 20.18
C LYS B 45 27.36 2.48 20.82
N ASN B 46 26.33 3.04 21.46
CA ASN B 46 26.40 4.38 22.03
C ASN B 46 26.87 5.37 20.98
N GLY B 47 26.31 5.24 19.77
CA GLY B 47 26.67 6.11 18.66
C GLY B 47 27.92 5.73 17.90
N GLU B 48 28.68 4.72 18.35
CA GLU B 48 29.94 4.38 17.70
C GLU B 48 29.85 3.03 17.00
N PRO B 49 30.53 2.86 15.87
CA PRO B 49 30.53 1.56 15.19
C PRO B 49 31.00 0.42 16.08
N MET B 50 30.62 -0.78 15.68
CA MET B 50 30.81 -2.00 16.44
C MET B 50 31.83 -2.89 15.76
N LYS B 51 32.43 -3.77 16.56
CA LYS B 51 33.35 -4.77 16.05
C LYS B 51 32.59 -5.86 15.30
N ASP B 52 33.30 -6.52 14.39
CA ASP B 52 32.89 -7.81 13.87
C ASP B 52 31.45 -7.75 13.34
N VAL B 53 31.10 -6.62 12.75
CA VAL B 53 29.86 -6.54 12.00
C VAL B 53 30.00 -7.37 10.73
N LYS B 54 28.99 -8.20 10.46
CA LYS B 54 28.97 -8.98 9.24
C LYS B 54 27.73 -8.63 8.45
N TYR B 55 27.79 -8.91 7.15
CA TYR B 55 26.76 -8.51 6.19
C TYR B 55 26.37 -9.74 5.39
N ASN B 56 25.11 -10.16 5.51
CA ASN B 56 24.59 -11.26 4.72
C ASN B 56 24.42 -10.83 3.26
N ASP B 57 23.93 -11.76 2.44
CA ASP B 57 23.75 -11.51 1.01
C ASP B 57 22.54 -10.61 0.76
N MET B 58 22.73 -9.54 0.01
CA MET B 58 21.58 -8.76 -0.40
C MET B 58 20.73 -9.60 -1.34
N SER B 59 19.42 -9.61 -1.10
CA SER B 59 18.47 -10.38 -1.90
C SER B 59 17.27 -9.49 -2.19
N PHE B 60 16.33 -9.99 -3.03
CA PHE B 60 15.12 -9.23 -3.33
C PHE B 60 13.93 -10.15 -3.50
N GLY B 61 12.74 -9.57 -3.34
CA GLY B 61 11.48 -10.28 -3.43
C GLY B 61 10.58 -9.79 -4.55
N ASP B 62 9.28 -10.10 -4.46
CA ASP B 62 8.40 -10.08 -5.64
C ASP B 62 8.21 -8.68 -6.21
N ASP B 63 8.08 -7.67 -5.34
CA ASP B 63 7.92 -6.28 -5.72
C ASP B 63 9.23 -5.65 -6.17
N TRP B 64 10.25 -6.47 -6.34
CA TRP B 64 11.59 -6.09 -6.78
C TRP B 64 12.40 -5.42 -5.67
N THR B 65 11.88 -5.27 -4.45
CA THR B 65 12.65 -4.49 -3.49
C THR B 65 13.59 -5.41 -2.75
N PHE B 66 14.57 -4.80 -2.11
CA PHE B 66 15.79 -5.42 -1.65
C PHE B 66 15.75 -5.63 -0.13
N GLN B 67 16.52 -6.62 0.33
CA GLN B 67 16.60 -6.99 1.74
C GLN B 67 18.04 -7.30 2.10
N ARG B 68 18.44 -6.93 3.29
CA ARG B 68 19.79 -7.20 3.71
C ARG B 68 19.78 -7.32 5.23
N LEU B 69 20.45 -8.36 5.72
CA LEU B 69 20.64 -8.57 7.15
C LEU B 69 22.05 -8.14 7.55
N VAL B 70 22.14 -7.42 8.65
CA VAL B 70 23.40 -7.00 9.26
C VAL B 70 23.41 -7.48 10.71
N TYR B 71 24.57 -7.88 11.21
CA TYR B 71 24.61 -8.48 12.54
C TYR B 71 26.03 -8.38 13.08
N ALA B 72 26.13 -8.54 14.40
CA ALA B 72 27.39 -8.40 15.09
C ALA B 72 27.25 -9.08 16.45
N PRO B 73 28.35 -9.48 17.06
CA PRO B 73 28.27 -9.95 18.44
C PRO B 73 28.22 -8.78 19.39
N PHE B 74 27.44 -8.93 20.45
CA PHE B 74 27.42 -7.91 21.48
C PHE B 74 27.01 -8.56 22.79
N THR B 75 27.28 -7.87 23.88
CA THR B 75 26.74 -8.26 25.19
C THR B 75 25.88 -7.11 25.67
N PRO B 76 24.56 -7.26 25.70
CA PRO B 76 23.71 -6.16 26.14
C PRO B 76 23.93 -5.89 27.63
N THR B 77 23.89 -4.62 27.99
CA THR B 77 23.87 -4.15 29.36
C THR B 77 22.63 -3.26 29.56
N LYS B 78 22.57 -2.61 30.71
CA LYS B 78 21.39 -1.81 31.03
C LYS B 78 21.46 -0.41 30.45
N SER B 79 22.65 0.14 30.24
CA SER B 79 22.77 1.49 29.70
C SER B 79 23.32 1.56 28.28
N ASP B 80 23.90 0.48 27.75
CA ASP B 80 24.43 0.53 26.39
C ASP B 80 23.29 0.61 25.39
N VAL B 81 23.34 1.62 24.54
CA VAL B 81 22.34 1.85 23.51
C VAL B 81 22.91 1.35 22.19
N TYR B 82 22.20 0.41 21.56
CA TYR B 82 22.57 -0.12 20.24
C TYR B 82 21.52 0.33 19.23
N THR B 83 21.99 0.95 18.16
CA THR B 83 21.10 1.40 17.12
C THR B 83 21.59 0.85 15.78
N CYS B 84 20.67 0.81 14.83
CA CYS B 84 21.01 0.50 13.45
C CYS B 84 20.79 1.76 12.65
N ARG B 85 21.85 2.26 12.00
CA ARG B 85 21.76 3.48 11.20
C ARG B 85 21.68 3.10 9.73
N VAL B 86 20.61 3.53 9.06
CA VAL B 86 20.37 3.23 7.65
C VAL B 86 20.41 4.54 6.85
N ASP B 87 21.30 4.61 5.87
CA ASP B 87 21.33 5.71 4.91
C ASP B 87 20.91 5.19 3.55
N HIS B 88 19.81 5.74 3.03
CA HIS B 88 19.32 5.36 1.72
C HIS B 88 18.72 6.60 1.05
N GLU B 89 18.86 6.65 -0.27
CA GLU B 89 18.51 7.86 -0.99
C GLU B 89 17.01 8.14 -0.97
N ALA B 90 16.20 7.12 -0.67
CA ALA B 90 14.78 7.35 -0.48
C ALA B 90 14.48 7.93 0.89
N PHE B 91 15.48 7.99 1.78
CA PHE B 91 15.38 8.69 3.06
C PHE B 91 15.80 10.14 2.88
N THR B 92 15.05 11.04 3.53
CA THR B 92 15.46 12.45 3.57
C THR B 92 16.86 12.59 4.15
N GLU B 93 17.15 11.81 5.17
CA GLU B 93 18.39 11.86 5.92
C GLU B 93 18.61 10.49 6.55
N PRO B 94 19.84 10.15 6.90
CA PRO B 94 20.07 8.84 7.52
C PRO B 94 19.22 8.67 8.78
N GLN B 95 18.64 7.47 8.95
CA GLN B 95 17.69 7.18 10.02
C GLN B 95 18.24 6.13 10.99
N SER B 96 17.87 6.29 12.27
CA SER B 96 18.35 5.45 13.36
C SER B 96 17.22 4.66 13.99
N PHE B 97 17.51 3.41 14.35
CA PHE B 97 16.56 2.50 14.97
C PHE B 97 17.22 1.80 16.15
N ARG B 98 16.68 2.03 17.34
CA ARG B 98 17.31 1.60 18.58
C ARG B 98 16.86 0.19 18.92
N TRP B 99 17.81 -0.66 19.29
CA TRP B 99 17.45 -1.95 19.85
C TRP B 99 16.74 -1.76 21.18
N GLU B 100 15.64 -2.46 21.38
CA GLU B 100 14.93 -2.46 22.67
C GLU B 100 15.40 -3.68 23.46
N PRO B 101 16.13 -3.53 24.57
CA PRO B 101 16.70 -4.66 25.29
C PRO B 101 15.73 -5.81 25.59
N ASP B 102 14.57 -5.51 26.13
CA ASP B 102 13.53 -6.54 26.37
C ASP B 102 13.99 -7.65 27.31
N PHE B 103 14.71 -7.28 28.37
CA PHE B 103 15.19 -8.09 29.50
C PHE B 103 14.03 -8.77 30.28
N CYS C 1 20.48 -26.25 -10.80
CA CYS C 1 21.20 -25.98 -12.03
C CYS C 1 20.67 -24.71 -12.67
N ALA C 2 21.53 -23.71 -12.85
CA ALA C 2 21.10 -22.48 -13.50
C ALA C 2 20.81 -22.71 -14.99
N ALA C 3 19.89 -21.90 -15.53
CA ALA C 3 19.51 -22.06 -16.94
C ALA C 3 20.47 -21.31 -17.87
N MET C 4 20.72 -21.90 -19.04
CA MET C 4 21.58 -21.29 -20.05
C MET C 4 20.78 -20.30 -20.91
N ASP C 5 21.28 -19.04 -20.97
CA ASP C 5 20.55 -17.82 -21.34
C ASP C 5 20.43 -17.66 -22.85
N ASP C 6 19.50 -18.40 -23.45
CA ASP C 6 19.51 -18.49 -24.91
C ASP C 6 18.91 -17.27 -25.62
N PHE C 7 18.72 -16.15 -24.91
CA PHE C 7 18.19 -14.95 -25.56
C PHE C 7 18.33 -13.75 -24.64
N GLN C 8 18.67 -12.62 -25.23
CA GLN C 8 18.79 -11.34 -24.54
C GLN C 8 17.57 -10.46 -24.83
N LEU C 9 17.37 -9.47 -23.98
CA LEU C 9 16.15 -8.64 -23.98
C LEU C 9 15.88 -7.84 -25.29
N GLU D 1 -32.89 4.36 -3.13
CA GLU D 1 -31.52 4.84 -2.93
C GLU D 1 -31.33 5.38 -1.52
N PRO D 2 -30.23 4.95 -0.84
CA PRO D 2 -29.99 5.39 0.56
C PRO D 2 -29.65 6.88 0.68
N HIS D 3 -30.61 7.68 1.14
CA HIS D 3 -30.41 9.10 1.41
C HIS D 3 -29.62 9.29 2.71
N SER D 4 -28.83 10.37 2.77
CA SER D 4 -27.82 10.47 3.82
C SER D 4 -27.52 11.91 4.23
N LEU D 5 -27.37 12.11 5.54
CA LEU D 5 -26.78 13.32 6.12
C LEU D 5 -25.54 12.90 6.90
N ARG D 6 -24.38 13.39 6.48
CA ARG D 6 -23.14 12.97 7.13
C ARG D 6 -22.24 14.17 7.37
N TYR D 7 -21.59 14.17 8.53
CA TYR D 7 -20.62 15.19 8.93
C TYR D 7 -19.24 14.55 9.10
N PHE D 8 -18.21 15.22 8.60
CA PHE D 8 -16.85 14.69 8.63
C PHE D 8 -15.94 15.74 9.26
N TYR D 9 -15.35 15.39 10.40
CA TYR D 9 -14.42 16.22 11.14
C TYR D 9 -13.02 15.65 10.97
N THR D 10 -12.07 16.52 10.65
CA THR D 10 -10.65 16.15 10.59
C THR D 10 -9.89 17.08 11.51
N ALA D 11 -9.09 16.52 12.42
CA ALA D 11 -8.27 17.31 13.33
C ALA D 11 -6.83 16.81 13.25
N VAL D 12 -5.93 17.66 12.78
CA VAL D 12 -4.51 17.30 12.81
C VAL D 12 -3.84 18.09 13.91
N SER D 13 -2.66 17.62 14.30
CA SER D 13 -1.88 18.34 15.29
C SER D 13 -1.11 19.47 14.65
N ASP D 14 -0.82 19.34 13.36
CA ASP D 14 0.13 20.22 12.67
C ASP D 14 -0.47 20.66 11.35
N PRO D 15 -1.02 21.86 11.29
CA PRO D 15 -1.62 22.33 10.05
C PRO D 15 -0.58 22.47 8.95
N SER D 16 -1.06 22.40 7.73
CA SER D 16 -0.24 22.48 6.54
C SER D 16 -1.09 23.12 5.47
N PRO D 17 -0.50 23.53 4.34
CA PRO D 17 -1.28 24.28 3.35
C PRO D 17 -2.44 23.44 2.84
N GLY D 18 -3.63 24.02 2.87
CA GLY D 18 -4.83 23.32 2.50
C GLY D 18 -5.39 22.43 3.58
N VAL D 19 -4.72 22.32 4.72
CA VAL D 19 -5.17 21.50 5.86
C VAL D 19 -5.12 22.36 7.12
N PRO D 20 -6.17 23.09 7.45
CA PRO D 20 -6.19 23.83 8.71
C PRO D 20 -6.38 22.87 9.87
N GLN D 21 -6.19 23.38 11.08
CA GLN D 21 -6.12 22.50 12.25
C GLN D 21 -7.36 21.61 12.35
N PHE D 22 -8.52 22.14 11.99
CA PHE D 22 -9.79 21.47 12.21
C PHE D 22 -10.71 21.79 11.05
N VAL D 23 -11.37 20.77 10.53
CA VAL D 23 -12.27 20.95 9.40
C VAL D 23 -13.50 20.10 9.64
N GLY D 24 -14.68 20.68 9.44
CA GLY D 24 -15.93 19.96 9.49
C GLY D 24 -16.72 20.15 8.22
N VAL D 25 -17.08 19.06 7.54
CA VAL D 25 -17.76 19.13 6.26
C VAL D 25 -19.05 18.31 6.34
N GLY D 26 -20.15 18.90 5.90
CA GLY D 26 -21.46 18.25 5.89
C GLY D 26 -21.87 17.87 4.47
N TYR D 27 -22.42 16.67 4.33
CA TYR D 27 -22.86 16.18 3.04
C TYR D 27 -24.30 15.69 3.16
N VAL D 28 -25.11 16.00 2.15
CA VAL D 28 -26.44 15.44 1.98
C VAL D 28 -26.45 14.63 0.68
N ASP D 29 -26.80 13.35 0.77
CA ASP D 29 -26.79 12.45 -0.38
C ASP D 29 -25.43 12.42 -1.08
N GLY D 30 -24.37 12.64 -0.31
CA GLY D 30 -23.00 12.57 -0.79
C GLY D 30 -22.43 13.83 -1.40
N GLU D 31 -23.16 14.93 -1.28
CA GLU D 31 -22.72 16.22 -1.83
C GLU D 31 -22.58 17.24 -0.72
N VAL D 32 -21.55 18.05 -0.82
CA VAL D 32 -21.21 19.08 0.19
C VAL D 32 -22.32 20.14 0.22
N PHE D 33 -22.61 20.66 1.40
CA PHE D 33 -23.64 21.70 1.58
C PHE D 33 -23.20 22.66 2.69
N VAL D 34 -22.36 22.20 3.61
CA VAL D 34 -21.83 23.09 4.68
C VAL D 34 -20.34 22.82 4.92
N ARG D 35 -19.63 23.84 5.41
CA ARG D 35 -18.23 23.69 5.78
C ARG D 35 -17.87 24.68 6.88
N TYR D 36 -17.00 24.22 7.78
CA TYR D 36 -16.42 24.97 8.87
C TYR D 36 -14.96 24.56 8.97
N ASP D 37 -14.10 25.50 9.30
CA ASP D 37 -12.73 25.14 9.61
C ASP D 37 -12.20 26.12 10.66
N SER D 38 -11.07 25.78 11.27
CA SER D 38 -10.50 26.60 12.34
C SER D 38 -9.89 27.89 11.81
N GLU D 39 -9.72 28.02 10.50
CA GLU D 39 -9.26 29.28 9.91
C GLU D 39 -10.36 30.33 9.98
N THR D 40 -11.50 30.05 9.34
CA THR D 40 -12.60 31.01 9.28
C THR D 40 -13.36 31.08 10.60
N GLN D 41 -13.43 29.98 11.34
CA GLN D 41 -14.29 29.89 12.52
C GLN D 41 -15.74 30.29 12.21
N ARG D 42 -16.16 30.07 10.96
CA ARG D 42 -17.56 30.20 10.59
C ARG D 42 -18.02 28.87 9.99
N MET D 43 -19.32 28.61 10.08
CA MET D 43 -19.95 27.58 9.25
C MET D 43 -20.58 28.27 8.05
N LYS D 44 -20.27 27.79 6.85
CA LYS D 44 -20.66 28.48 5.62
C LYS D 44 -21.35 27.53 4.64
N SER D 45 -22.22 28.11 3.82
CA SER D 45 -22.94 27.36 2.82
C SER D 45 -22.00 26.88 1.72
N ARG D 46 -22.22 25.68 1.22
CA ARG D 46 -21.47 25.19 0.08
C ARG D 46 -22.36 24.64 -1.02
N ALA D 47 -23.67 24.84 -0.90
CA ALA D 47 -24.61 24.58 -1.96
C ALA D 47 -25.66 25.67 -1.86
N ASP D 48 -26.12 26.16 -3.01
CA ASP D 48 -26.97 27.34 -2.99
C ASP D 48 -28.33 27.04 -2.37
N TRP D 49 -28.80 25.80 -2.49
CA TRP D 49 -30.11 25.50 -1.94
C TRP D 49 -30.14 25.57 -0.42
N ILE D 50 -29.02 25.33 0.26
CA ILE D 50 -29.07 25.46 1.72
C ILE D 50 -29.06 26.92 2.11
N ALA D 51 -28.24 27.73 1.45
CA ALA D 51 -28.22 29.16 1.74
C ALA D 51 -29.59 29.80 1.47
N ALA D 52 -30.30 29.31 0.45
CA ALA D 52 -31.57 29.90 0.06
C ALA D 52 -32.68 29.64 1.07
N ASN D 53 -32.53 28.63 1.93
CA ASN D 53 -33.59 28.19 2.83
C ASN D 53 -33.22 28.36 4.29
N THR D 54 -32.21 29.17 4.59
CA THR D 54 -31.78 29.38 5.97
C THR D 54 -31.74 30.86 6.26
N ASP D 55 -31.86 31.18 7.54
CA ASP D 55 -31.67 32.54 8.03
C ASP D 55 -30.29 32.65 8.69
N GLN D 56 -30.05 33.79 9.34
CA GLN D 56 -28.76 34.02 9.96
C GLN D 56 -28.60 33.20 11.22
N GLN D 57 -29.70 32.83 11.87
CA GLN D 57 -29.62 32.12 13.14
C GLN D 57 -29.20 30.66 12.95
N TYR D 58 -29.52 30.05 11.81
CA TYR D 58 -29.01 28.70 11.55
C TYR D 58 -27.49 28.69 11.49
N TRP D 59 -26.92 29.58 10.69
CA TRP D 59 -25.47 29.65 10.56
C TRP D 59 -24.82 30.03 11.88
N ASP D 60 -25.45 30.90 12.66
CA ASP D 60 -24.90 31.25 13.96
C ASP D 60 -24.86 30.03 14.87
N THR D 61 -25.95 29.26 14.93
CA THR D 61 -25.96 28.09 15.79
C THR D 61 -25.01 27.01 15.29
N GLU D 62 -25.00 26.76 13.99
CA GLU D 62 -24.02 25.82 13.45
C GLU D 62 -22.61 26.26 13.79
N THR D 63 -22.34 27.58 13.71
CA THR D 63 -21.00 28.06 14.05
C THR D 63 -20.67 27.79 15.51
N GLU D 64 -21.59 28.08 16.42
CA GLU D 64 -21.35 27.81 17.84
C GLU D 64 -21.09 26.34 18.07
N THR D 65 -21.89 25.48 17.45
CA THR D 65 -21.72 24.02 17.60
C THR D 65 -20.31 23.61 17.19
N LEU D 66 -19.91 23.99 15.99
CA LEU D 66 -18.59 23.62 15.43
C LEU D 66 -17.41 24.24 16.20
N GLN D 67 -17.58 25.45 16.74
CA GLN D 67 -16.50 26.07 17.55
C GLN D 67 -16.29 25.22 18.80
N SER D 68 -17.36 24.72 19.39
CA SER D 68 -17.19 23.89 20.56
C SER D 68 -16.66 22.51 20.18
N SER D 69 -16.97 22.03 18.98
CA SER D 69 -16.40 20.76 18.60
C SER D 69 -14.92 20.89 18.26
N GLU D 70 -14.50 22.01 17.69
CA GLU D 70 -13.09 22.25 17.46
C GLU D 70 -12.32 22.22 18.78
N GLN D 71 -12.81 22.92 19.78
CA GLN D 71 -12.12 22.99 21.09
C GLN D 71 -11.95 21.59 21.69
N ILE D 72 -13.01 20.81 21.69
CA ILE D 72 -12.96 19.43 22.25
C ILE D 72 -11.99 18.56 21.46
N TYR D 73 -11.99 18.66 20.14
CA TYR D 73 -11.09 17.82 19.31
C TYR D 73 -9.64 18.17 19.55
N ARG D 74 -9.38 19.39 19.96
CA ARG D 74 -8.03 19.80 20.29
C ARG D 74 -7.55 19.12 21.57
N LEU D 75 -8.45 18.96 22.55
CA LEU D 75 -8.14 18.20 23.74
C LEU D 75 -8.07 16.71 23.44
N ASN D 76 -8.88 16.24 22.49
CA ASN D 76 -8.86 14.83 22.12
C ASN D 76 -7.50 14.41 21.59
N LEU D 77 -6.90 15.22 20.71
CA LEU D 77 -5.56 14.89 20.23
C LEU D 77 -4.58 14.77 21.39
N GLU D 78 -4.58 15.75 22.30
CA GLU D 78 -3.68 15.71 23.45
C GLU D 78 -3.93 14.47 24.30
N THR D 79 -5.19 14.07 24.46
CA THR D 79 -5.48 12.89 25.27
C THR D 79 -4.92 11.63 24.63
N LEU D 80 -5.07 11.49 23.31
CA LEU D 80 -4.55 10.31 22.63
C LEU D 80 -3.03 10.33 22.55
N TRP D 81 -2.42 11.50 22.50
CA TRP D 81 -0.97 11.56 22.44
C TRP D 81 -0.35 11.00 23.72
N GLY D 82 -0.97 11.24 24.86
CA GLY D 82 -0.51 10.69 26.12
C GLY D 82 -1.03 9.29 26.40
N ARG D 83 -2.21 8.98 25.91
CA ARG D 83 -2.77 7.66 26.16
C ARG D 83 -1.99 6.57 25.42
N TYR D 84 -1.54 6.84 24.20
CA TYR D 84 -0.75 5.87 23.43
C TYR D 84 0.73 5.94 23.85
N ASN D 85 1.53 5.03 23.31
CA ASN D 85 2.96 4.99 23.59
C ASN D 85 3.77 5.06 22.28
N GLN D 86 3.62 6.15 21.53
CA GLN D 86 4.61 6.54 20.52
C GLN D 86 4.44 8.02 20.19
N SER D 87 5.54 8.63 19.67
CA SER D 87 5.73 10.08 19.70
C SER D 87 6.25 10.73 18.40
N LYS D 88 5.49 10.60 17.31
CA LYS D 88 5.94 11.27 16.07
C LYS D 88 5.28 12.64 16.00
N GLY D 89 5.97 13.62 15.47
CA GLY D 89 5.47 15.01 15.43
C GLY D 89 4.03 15.16 14.95
N SER D 90 3.56 14.32 14.05
CA SER D 90 2.20 14.59 13.55
C SER D 90 1.24 13.48 13.95
N HIS D 91 -0.03 13.87 14.11
CA HIS D 91 -1.15 12.96 14.41
C HIS D 91 -2.47 13.50 13.89
N THR D 92 -3.32 12.56 13.58
CA THR D 92 -4.60 12.80 12.87
C THR D 92 -5.78 12.11 13.56
N LEU D 93 -6.81 12.86 13.92
CA LEU D 93 -8.02 12.26 14.48
C LEU D 93 -9.23 12.60 13.62
N GLN D 94 -10.12 11.63 13.42
CA GLN D 94 -11.18 11.77 12.42
C GLN D 94 -12.52 11.28 12.96
N LEU D 95 -13.59 11.97 12.59
CA LEU D 95 -14.95 11.64 13.03
C LEU D 95 -15.90 11.68 11.85
N MET D 96 -16.72 10.66 11.71
CA MET D 96 -17.79 10.65 10.73
C MET D 96 -19.06 10.25 11.47
N TYR D 97 -20.14 11.00 11.29
CA TYR D 97 -21.41 10.63 11.91
C TYR D 97 -22.57 11.10 11.03
N GLY D 98 -23.73 10.56 11.33
CA GLY D 98 -24.94 10.93 10.63
C GLY D 98 -25.84 9.74 10.44
N CYS D 99 -26.69 9.84 9.42
CA CYS D 99 -27.83 8.94 9.34
C CYS D 99 -28.18 8.66 7.88
N ASP D 100 -28.71 7.47 7.65
CA ASP D 100 -29.15 7.03 6.34
C ASP D 100 -30.64 6.72 6.38
N LEU D 101 -31.36 7.19 5.38
CA LEU D 101 -32.76 6.84 5.17
C LEU D 101 -32.82 5.84 4.01
N LEU D 102 -33.11 4.59 4.32
CA LEU D 102 -33.10 3.54 3.33
C LEU D 102 -34.42 3.52 2.56
N GLU D 103 -34.43 2.69 1.50
CA GLU D 103 -35.58 2.61 0.59
C GLU D 103 -36.87 2.29 1.34
N ASP D 104 -36.85 1.22 2.17
CA ASP D 104 -38.02 0.75 2.92
C ASP D 104 -38.41 1.68 4.02
N GLY D 105 -37.80 2.86 4.16
CA GLY D 105 -38.10 3.74 5.26
C GLY D 105 -37.32 3.47 6.53
N SER D 106 -36.70 2.30 6.67
CA SER D 106 -35.87 2.04 7.83
C SER D 106 -34.67 2.99 7.84
N THR D 107 -33.99 3.06 8.98
CA THR D 107 -32.93 4.04 9.16
C THR D 107 -31.69 3.40 9.76
N ARG D 108 -30.57 4.11 9.68
CA ARG D 108 -29.46 3.79 10.55
C ARG D 108 -28.64 5.02 10.84
N GLY D 109 -27.79 4.89 11.86
CA GLY D 109 -26.94 5.98 12.29
C GLY D 109 -25.53 5.48 12.47
N PHE D 110 -24.62 6.45 12.53
CA PHE D 110 -23.20 6.17 12.53
C PHE D 110 -22.52 7.20 13.41
N HIS D 111 -21.55 6.74 14.18
CA HIS D 111 -20.68 7.65 14.92
C HIS D 111 -19.35 6.92 15.08
N GLN D 112 -18.42 7.20 14.17
CA GLN D 112 -17.18 6.43 14.17
C GLN D 112 -15.98 7.35 14.13
N HIS D 113 -15.04 7.11 15.06
CA HIS D 113 -13.77 7.82 15.08
C HIS D 113 -12.70 6.97 14.43
N GLY D 114 -11.80 7.63 13.70
CA GLY D 114 -10.57 7.02 13.24
C GLY D 114 -9.39 7.78 13.80
N TYR D 115 -8.29 7.07 14.03
CA TYR D 115 -7.11 7.71 14.60
C TYR D 115 -5.85 7.09 14.01
N GLU D 116 -4.97 7.95 13.51
CA GLU D 116 -3.86 7.53 12.66
C GLU D 116 -4.32 6.58 11.58
N GLY D 117 -5.39 6.99 10.88
CA GLY D 117 -5.93 6.23 9.76
C GLY D 117 -6.40 4.83 10.06
N ARG D 118 -6.61 4.52 11.31
CA ARG D 118 -7.22 3.22 11.61
C ARG D 118 -8.46 3.46 12.47
N ASP D 119 -9.28 2.44 12.58
CA ASP D 119 -10.44 2.50 13.45
C ASP D 119 -10.01 2.76 14.88
N PHE D 120 -10.80 3.57 15.58
CA PHE D 120 -10.63 3.80 17.01
C PHE D 120 -11.86 3.33 17.78
N ILE D 121 -13.04 3.91 17.52
CA ILE D 121 -14.25 3.52 18.25
C ILE D 121 -15.45 3.86 17.38
N ALA D 122 -16.43 2.95 17.37
CA ALA D 122 -17.60 3.11 16.53
C ALA D 122 -18.85 2.72 17.30
N LEU D 123 -19.87 3.57 17.23
CA LEU D 123 -21.17 3.28 17.79
C LEU D 123 -21.79 2.12 17.03
N ASP D 124 -22.28 1.13 17.78
CA ASP D 124 -22.93 -0.05 17.24
C ASP D 124 -24.35 0.29 16.77
N LYS D 125 -25.01 -0.71 16.15
CA LYS D 125 -26.29 -0.52 15.48
C LYS D 125 -27.44 -0.28 16.46
N ASP D 126 -27.39 -0.86 17.66
CA ASP D 126 -28.36 -0.53 18.68
C ASP D 126 -28.20 0.91 19.20
N MET D 127 -27.09 1.58 18.85
CA MET D 127 -26.81 2.97 19.18
C MET D 127 -26.63 3.21 20.68
N LEU D 128 -26.34 2.17 21.47
CA LEU D 128 -26.13 2.33 22.90
C LEU D 128 -24.86 1.66 23.41
N THR D 129 -24.07 1.03 22.53
CA THR D 129 -22.79 0.45 22.89
C THR D 129 -21.79 0.78 21.79
N TYR D 130 -20.50 0.81 22.17
CA TYR D 130 -19.41 1.10 21.26
C TYR D 130 -18.50 -0.10 21.09
N THR D 131 -17.85 -0.17 19.93
CA THR D 131 -16.79 -1.12 19.66
C THR D 131 -15.46 -0.39 19.71
N ALA D 132 -14.63 -0.73 20.69
CA ALA D 132 -13.28 -0.20 20.80
C ALA D 132 -12.31 -1.07 19.99
N ALA D 133 -11.50 -0.44 19.14
CA ALA D 133 -10.60 -1.21 18.30
C ALA D 133 -9.27 -1.52 18.98
N ASP D 134 -9.01 -0.96 20.17
CA ASP D 134 -7.81 -1.24 20.94
C ASP D 134 -8.02 -0.79 22.39
N ALA D 135 -7.00 -1.02 23.21
CA ALA D 135 -7.10 -0.70 24.63
C ALA D 135 -7.32 0.80 24.84
N ALA D 136 -6.67 1.63 24.02
CA ALA D 136 -6.84 3.08 24.18
C ALA D 136 -8.29 3.50 23.96
N ALA D 137 -8.95 2.88 22.98
CA ALA D 137 -10.37 3.14 22.76
C ALA D 137 -11.23 2.58 23.89
N GLN D 138 -10.83 1.44 24.49
CA GLN D 138 -11.58 0.87 25.60
C GLN D 138 -11.80 1.88 26.72
N ILE D 139 -10.77 2.67 27.04
CA ILE D 139 -10.92 3.68 28.07
C ILE D 139 -12.07 4.62 27.71
N THR D 140 -12.12 5.05 26.44
CA THR D 140 -13.20 5.93 26.03
C THR D 140 -14.53 5.19 26.08
N LYS D 141 -14.57 3.96 25.57
CA LYS D 141 -15.79 3.17 25.65
C LYS D 141 -16.31 3.12 27.08
N ARG D 142 -15.46 2.73 28.03
CA ARG D 142 -15.92 2.56 29.41
C ARG D 142 -16.40 3.87 29.99
N LYS D 143 -15.68 4.96 29.75
CA LYS D 143 -16.10 6.29 30.20
C LYS D 143 -17.49 6.63 29.68
N TRP D 144 -17.75 6.37 28.39
CA TRP D 144 -18.99 6.83 27.78
C TRP D 144 -20.17 5.94 28.16
N GLU D 145 -19.97 4.62 28.20
CA GLU D 145 -21.09 3.71 28.51
C GLU D 145 -21.53 3.79 29.97
N LYS D 146 -20.93 4.68 30.78
CA LYS D 146 -21.36 4.91 32.14
C LYS D 146 -22.27 6.13 32.26
N ASP D 147 -22.44 6.90 31.20
CA ASP D 147 -23.26 8.11 31.21
C ASP D 147 -24.51 7.83 30.41
N GLU D 148 -25.59 7.45 31.10
CA GLU D 148 -26.76 6.91 30.41
C GLU D 148 -27.47 7.97 29.60
N THR D 149 -27.52 9.19 30.10
CA THR D 149 -28.25 10.19 29.32
C THR D 149 -27.43 10.60 28.11
N PHE D 150 -26.11 10.64 28.23
CA PHE D 150 -25.27 10.89 27.06
C PHE D 150 -25.46 9.80 26.02
N LEU D 151 -25.57 8.55 26.46
CA LEU D 151 -25.86 7.45 25.56
C LEU D 151 -27.17 7.67 24.82
N GLU D 152 -28.20 8.13 25.54
CA GLU D 152 -29.54 8.32 24.99
C GLU D 152 -29.63 9.57 24.13
N GLY D 153 -28.97 10.65 24.54
CA GLY D 153 -28.96 11.86 23.74
C GLY D 153 -28.39 11.64 22.35
N ARG D 154 -27.24 10.96 22.27
CA ARG D 154 -26.65 10.69 20.97
C ARG D 154 -27.56 9.78 20.12
N LYS D 155 -28.18 8.78 20.75
CA LYS D 155 -29.06 7.90 19.99
C LYS D 155 -30.28 8.65 19.47
N PHE D 156 -30.76 9.63 20.25
CA PHE D 156 -31.88 10.44 19.84
C PHE D 156 -31.51 11.37 18.69
N TYR D 157 -30.34 12.01 18.75
CA TYR D 157 -29.92 12.84 17.63
C TYR D 157 -29.88 12.03 16.34
N LEU D 158 -29.41 10.78 16.42
CA LEU D 158 -29.18 10.01 15.20
C LEU D 158 -30.49 9.43 14.65
N GLU D 159 -31.39 8.98 15.52
CA GLU D 159 -32.64 8.40 15.05
C GLU D 159 -33.64 9.45 14.65
N ASN D 160 -33.62 10.57 15.36
CA ASN D 160 -34.68 11.57 15.28
C ASN D 160 -34.18 12.88 14.67
N THR D 161 -33.37 13.64 15.41
CA THR D 161 -32.93 14.93 14.90
C THR D 161 -32.32 14.78 13.51
N CYS D 162 -31.36 13.85 13.38
CA CYS D 162 -30.60 13.69 12.15
C CYS D 162 -31.49 13.37 10.96
N ILE D 163 -32.36 12.36 11.08
CA ILE D 163 -33.19 11.91 9.97
C ILE D 163 -34.14 13.01 9.52
N GLU D 164 -34.72 13.74 10.46
CA GLU D 164 -35.73 14.72 10.09
C GLU D 164 -35.12 15.96 9.47
N TRP D 165 -33.89 16.32 9.88
CA TRP D 165 -33.22 17.41 9.17
C TRP D 165 -32.77 16.96 7.78
N LEU D 166 -32.42 15.68 7.62
CA LEU D 166 -32.19 15.15 6.28
C LEU D 166 -33.42 15.32 5.40
N ARG D 167 -34.61 15.14 5.98
CA ARG D 167 -35.85 15.28 5.20
C ARG D 167 -36.08 16.73 4.82
N LYS D 168 -35.79 17.65 5.75
CA LYS D 168 -35.89 19.08 5.45
C LYS D 168 -34.87 19.49 4.38
N TYR D 169 -33.62 19.05 4.52
CA TYR D 169 -32.61 19.37 3.51
C TYR D 169 -32.98 18.77 2.17
N MET D 170 -33.55 17.57 2.18
CA MET D 170 -34.00 16.95 0.93
C MET D 170 -35.01 17.84 0.22
N SER D 171 -36.00 18.33 0.95
CA SER D 171 -37.00 19.22 0.34
C SER D 171 -36.36 20.56 -0.06
N TYR D 172 -35.44 21.07 0.75
CA TYR D 172 -34.72 22.26 0.35
C TYR D 172 -34.07 22.03 -1.00
N GLY D 173 -33.39 20.89 -1.17
CA GLY D 173 -32.52 20.71 -2.32
C GLY D 173 -33.00 19.82 -3.45
N LYS D 174 -34.29 19.48 -3.49
CA LYS D 174 -34.74 18.45 -4.43
C LYS D 174 -34.32 18.76 -5.86
N ASP D 175 -34.42 20.02 -6.27
CA ASP D 175 -34.13 20.38 -7.67
C ASP D 175 -32.68 20.13 -8.03
N VAL D 176 -31.79 20.14 -7.05
CA VAL D 176 -30.39 19.85 -7.30
C VAL D 176 -30.12 18.38 -7.06
N LEU D 177 -30.53 17.90 -5.89
CA LEU D 177 -30.20 16.55 -5.44
C LEU D 177 -30.77 15.48 -6.37
N GLU D 178 -31.96 15.71 -6.92
CA GLU D 178 -32.64 14.70 -7.72
C GLU D 178 -32.61 15.03 -9.21
N ARG D 179 -31.82 16.01 -9.63
CA ARG D 179 -31.63 16.26 -11.06
C ARG D 179 -30.92 15.09 -11.73
N ARG D 180 -30.97 15.08 -13.06
CA ARG D 180 -30.31 14.07 -13.88
C ARG D 180 -29.44 14.76 -14.91
N GLU D 181 -28.19 14.33 -15.04
CA GLU D 181 -27.30 14.86 -16.07
C GLU D 181 -26.67 13.71 -16.85
N ARG D 182 -26.85 13.77 -18.16
CA ARG D 182 -26.43 12.68 -19.04
C ARG D 182 -24.91 12.65 -19.13
N PRO D 183 -24.30 11.46 -19.16
CA PRO D 183 -22.88 11.38 -19.50
C PRO D 183 -22.67 11.77 -20.96
N LYS D 184 -21.52 12.40 -21.22
CA LYS D 184 -21.03 12.61 -22.57
C LYS D 184 -19.89 11.61 -22.78
N VAL D 185 -20.10 10.63 -23.66
CA VAL D 185 -19.21 9.50 -23.82
C VAL D 185 -18.38 9.67 -25.11
N ARG D 186 -17.06 9.58 -24.98
CA ARG D 186 -16.18 9.43 -26.14
C ARG D 186 -15.35 8.18 -25.95
N VAL D 187 -15.43 7.26 -26.91
CA VAL D 187 -14.50 6.15 -26.91
C VAL D 187 -13.46 6.46 -27.96
N SER D 188 -12.21 6.29 -27.60
CA SER D 188 -11.13 6.50 -28.53
C SER D 188 -10.23 5.26 -28.51
N GLY D 189 -9.36 5.20 -29.51
CA GLY D 189 -8.61 3.99 -29.76
C GLY D 189 -7.18 4.29 -30.17
N MET D 190 -6.26 3.46 -29.68
CA MET D 190 -4.85 3.65 -29.95
C MET D 190 -4.27 2.27 -30.22
N GLU D 191 -3.59 2.13 -31.36
CA GLU D 191 -2.94 0.88 -31.71
C GLU D 191 -1.43 1.01 -31.56
N ALA D 192 -0.85 0.09 -30.80
CA ALA D 192 0.59 -0.01 -30.63
C ALA D 192 0.96 -1.49 -30.62
N ASN D 193 2.07 -1.81 -31.28
CA ASN D 193 2.66 -3.15 -31.37
C ASN D 193 1.58 -4.25 -31.44
N LYS D 194 0.65 -4.06 -32.38
CA LYS D 194 -0.39 -5.05 -32.73
C LYS D 194 -1.45 -5.18 -31.64
N ILE D 195 -1.61 -4.16 -30.80
CA ILE D 195 -2.61 -4.19 -29.74
C ILE D 195 -3.41 -2.90 -29.80
N LEU D 196 -4.73 -3.05 -29.94
CA LEU D 196 -5.64 -1.92 -29.95
C LEU D 196 -6.23 -1.80 -28.55
N THR D 197 -5.95 -0.69 -27.88
CA THR D 197 -6.54 -0.46 -26.57
C THR D 197 -7.65 0.56 -26.77
N LEU D 198 -8.88 0.15 -26.45
CA LEU D 198 -10.04 1.01 -26.54
C LEU D 198 -10.32 1.62 -25.17
N SER D 199 -10.69 2.89 -25.18
CA SER D 199 -10.85 3.67 -23.97
C SER D 199 -12.19 4.39 -24.04
N CYS D 200 -13.13 3.96 -23.21
CA CYS D 200 -14.46 4.56 -23.16
C CYS D 200 -14.53 5.47 -21.93
N ARG D 201 -14.76 6.76 -22.16
CA ARG D 201 -14.75 7.79 -21.12
C ARG D 201 -16.12 8.47 -21.04
N ALA D 202 -16.70 8.52 -19.84
CA ALA D 202 -17.99 9.14 -19.62
C ALA D 202 -17.81 10.42 -18.82
N HIS D 203 -18.25 11.54 -19.39
CA HIS D 203 -18.03 12.86 -18.80
C HIS D 203 -19.33 13.46 -18.26
N GLY D 204 -19.28 13.89 -17.00
CA GLY D 204 -20.31 14.75 -16.42
C GLY D 204 -21.66 14.11 -16.20
N PHE D 205 -21.69 12.90 -15.67
CA PHE D 205 -22.97 12.30 -15.34
C PHE D 205 -23.36 12.59 -13.90
N TYR D 206 -24.66 12.70 -13.67
CA TYR D 206 -25.23 12.80 -12.35
C TYR D 206 -26.56 12.08 -12.43
N PRO D 207 -26.91 11.23 -11.45
CA PRO D 207 -26.24 10.96 -10.16
C PRO D 207 -24.96 10.11 -10.28
N ARG D 208 -24.42 9.72 -9.11
CA ARG D 208 -23.09 9.09 -9.07
C ARG D 208 -23.11 7.63 -9.54
N PRO D 209 -24.03 6.79 -9.10
CA PRO D 209 -23.99 5.38 -9.53
C PRO D 209 -23.98 5.25 -11.06
N ILE D 210 -23.12 4.35 -11.55
CA ILE D 210 -22.99 4.11 -12.98
C ILE D 210 -22.46 2.70 -13.20
N SER D 211 -22.77 2.14 -14.36
CA SER D 211 -22.16 0.89 -14.76
C SER D 211 -21.56 1.11 -16.14
N ILE D 212 -20.27 0.78 -16.28
CA ILE D 212 -19.57 0.91 -17.54
C ILE D 212 -18.88 -0.41 -17.81
N SER D 213 -19.09 -0.94 -19.00
CA SER D 213 -18.76 -2.32 -19.32
C SER D 213 -18.29 -2.38 -20.77
N TRP D 214 -17.37 -3.29 -21.05
CA TRP D 214 -16.94 -3.50 -22.42
C TRP D 214 -17.56 -4.78 -22.97
N LEU D 215 -17.94 -4.73 -24.25
CA LEU D 215 -18.74 -5.76 -24.89
C LEU D 215 -18.07 -6.22 -26.17
N LYS D 216 -17.90 -7.53 -26.32
CA LYS D 216 -17.47 -8.15 -27.57
C LYS D 216 -18.62 -8.96 -28.12
N ASP D 217 -19.05 -8.63 -29.35
CA ASP D 217 -20.24 -9.23 -29.97
C ASP D 217 -21.38 -9.35 -28.98
N GLY D 218 -21.62 -8.25 -28.25
CA GLY D 218 -22.66 -8.17 -27.25
C GLY D 218 -22.38 -8.90 -25.96
N VAL D 219 -21.22 -9.52 -25.79
CA VAL D 219 -20.92 -10.31 -24.60
C VAL D 219 -19.97 -9.51 -23.71
N VAL D 220 -20.26 -9.50 -22.40
CA VAL D 220 -19.47 -8.73 -21.46
C VAL D 220 -18.06 -9.32 -21.36
N GLN D 221 -17.05 -8.44 -21.33
CA GLN D 221 -15.65 -8.85 -21.21
C GLN D 221 -15.10 -8.41 -19.86
N GLU D 222 -15.67 -8.96 -18.78
CA GLU D 222 -15.45 -8.39 -17.46
C GLU D 222 -14.02 -8.61 -16.99
N GLN D 223 -13.39 -9.69 -17.43
CA GLN D 223 -12.03 -10.00 -17.03
C GLN D 223 -11.01 -9.16 -17.81
N GLU D 224 -11.29 -8.85 -19.07
CA GLU D 224 -10.38 -8.03 -19.86
C GLU D 224 -10.54 -6.53 -19.57
N THR D 225 -11.62 -6.13 -18.92
CA THR D 225 -11.91 -4.72 -18.77
C THR D 225 -11.22 -4.16 -17.54
N GLN D 226 -10.67 -2.95 -17.69
CA GLN D 226 -10.04 -2.23 -16.59
C GLN D 226 -10.73 -0.89 -16.41
N ARG D 227 -11.12 -0.57 -15.16
CA ARG D 227 -11.91 0.61 -14.85
C ARG D 227 -11.18 1.55 -13.92
N GLY D 228 -11.32 2.83 -14.13
CA GLY D 228 -10.99 3.76 -13.08
C GLY D 228 -12.13 3.91 -12.09
N SER D 229 -11.83 4.54 -10.97
CA SER D 229 -12.89 4.75 -10.01
C SER D 229 -13.71 5.97 -10.42
N THR D 230 -14.92 6.06 -9.88
CA THR D 230 -15.74 7.21 -10.19
C THR D 230 -15.14 8.43 -9.50
N VAL D 231 -14.94 9.51 -10.24
CA VAL D 231 -14.25 10.68 -9.71
C VAL D 231 -15.06 11.94 -10.02
N PRO D 232 -15.04 12.94 -9.16
CA PRO D 232 -15.93 14.09 -9.36
C PRO D 232 -15.37 15.11 -10.33
N ASN D 233 -16.30 15.77 -11.02
CA ASN D 233 -16.03 17.03 -11.71
C ASN D 233 -16.25 18.18 -10.74
N SER D 234 -15.78 19.36 -11.11
CA SER D 234 -15.96 20.52 -10.24
C SER D 234 -17.41 20.97 -10.13
N ASP D 235 -18.32 20.46 -10.94
CA ASP D 235 -19.68 20.97 -10.95
C ASP D 235 -20.67 19.99 -10.33
N GLY D 236 -20.19 19.10 -9.48
CA GLY D 236 -21.04 18.16 -8.82
C GLY D 236 -21.41 16.95 -9.64
N THR D 237 -20.89 16.80 -10.86
CA THR D 237 -21.10 15.64 -11.71
C THR D 237 -19.89 14.72 -11.63
N TYR D 238 -19.88 13.66 -12.44
CA TYR D 238 -18.90 12.60 -12.25
C TYR D 238 -18.27 12.19 -13.59
N HIS D 239 -17.34 11.25 -13.50
CA HIS D 239 -16.45 10.90 -14.60
C HIS D 239 -15.99 9.48 -14.37
N ILE D 240 -15.99 8.64 -15.41
CA ILE D 240 -15.44 7.29 -15.30
C ILE D 240 -14.86 6.89 -16.64
N TRP D 241 -13.90 5.95 -16.61
CA TRP D 241 -13.30 5.41 -17.84
C TRP D 241 -13.16 3.90 -17.71
N ALA D 242 -13.07 3.25 -18.88
CA ALA D 242 -12.91 1.81 -18.96
C ALA D 242 -12.14 1.46 -20.21
N THR D 243 -11.06 0.69 -20.05
CA THR D 243 -10.25 0.27 -21.18
C THR D 243 -10.27 -1.25 -21.33
N ILE D 244 -9.95 -1.69 -22.54
CA ILE D 244 -9.79 -3.11 -22.85
C ILE D 244 -8.85 -3.18 -24.02
N ASP D 245 -8.01 -4.22 -24.03
CA ASP D 245 -7.04 -4.44 -25.10
C ASP D 245 -7.54 -5.53 -26.03
N VAL D 246 -7.53 -5.26 -27.35
CA VAL D 246 -8.21 -6.10 -28.31
C VAL D 246 -7.33 -6.30 -29.55
N LEU D 247 -7.57 -7.39 -30.26
CA LEU D 247 -6.96 -7.59 -31.57
C LEU D 247 -7.47 -6.51 -32.53
N PRO D 248 -6.60 -5.77 -33.20
CA PRO D 248 -7.05 -4.66 -34.04
C PRO D 248 -8.04 -5.08 -35.12
N GLY D 249 -7.92 -6.29 -35.64
CA GLY D 249 -8.88 -6.78 -36.62
C GLY D 249 -10.24 -7.09 -36.04
N ASP D 250 -10.34 -7.21 -34.72
CA ASP D 250 -11.61 -7.34 -34.02
C ASP D 250 -12.24 -5.99 -33.68
N ARG D 251 -11.80 -4.90 -34.32
CA ARG D 251 -12.26 -3.56 -33.96
C ARG D 251 -13.78 -3.46 -33.91
N ASP D 252 -14.46 -4.00 -34.93
CA ASP D 252 -15.88 -3.77 -35.12
C ASP D 252 -16.77 -4.57 -34.18
N LYS D 253 -16.19 -5.44 -33.33
CA LYS D 253 -16.98 -6.28 -32.45
C LYS D 253 -17.20 -5.67 -31.06
N TYR D 254 -16.64 -4.49 -30.79
CA TYR D 254 -16.43 -3.99 -29.43
C TYR D 254 -17.23 -2.70 -29.24
N GLN D 255 -18.09 -2.69 -28.23
CA GLN D 255 -18.81 -1.48 -27.87
C GLN D 255 -18.76 -1.32 -26.36
N CYS D 256 -18.92 -0.07 -25.92
CA CYS D 256 -18.94 0.30 -24.52
C CYS D 256 -20.39 0.46 -24.06
N ARG D 257 -20.75 -0.21 -22.98
CA ARG D 257 -22.11 -0.21 -22.44
C ARG D 257 -22.10 0.65 -21.17
N VAL D 258 -22.81 1.78 -21.22
CA VAL D 258 -22.93 2.69 -20.07
C VAL D 258 -24.36 2.60 -19.58
N GLU D 259 -24.54 2.20 -18.32
CA GLU D 259 -25.87 2.09 -17.74
C GLU D 259 -25.97 3.10 -16.61
N HIS D 260 -26.87 4.08 -16.76
CA HIS D 260 -26.92 5.23 -15.87
C HIS D 260 -28.35 5.78 -15.81
N ALA D 261 -28.68 6.48 -14.71
CA ALA D 261 -30.07 6.85 -14.47
C ALA D 261 -30.60 7.86 -15.47
N SER D 262 -29.74 8.71 -16.01
CA SER D 262 -30.16 9.73 -16.98
C SER D 262 -30.49 9.18 -18.35
N LEU D 263 -30.29 7.89 -18.59
CA LEU D 263 -30.39 7.29 -19.91
C LEU D 263 -31.66 6.48 -20.02
N PRO D 264 -32.46 6.64 -21.07
CA PRO D 264 -33.75 5.92 -21.13
C PRO D 264 -33.59 4.41 -21.02
N GLN D 265 -32.59 3.85 -21.70
CA GLN D 265 -32.21 2.45 -21.67
C GLN D 265 -30.68 2.46 -21.57
N PRO D 266 -29.99 1.35 -21.30
CA PRO D 266 -28.53 1.38 -21.40
C PRO D 266 -28.08 1.83 -22.79
N GLY D 267 -27.05 2.68 -22.79
CA GLY D 267 -26.51 3.25 -24.02
C GLY D 267 -25.22 2.58 -24.46
N LEU D 268 -25.08 2.39 -25.77
CA LEU D 268 -23.92 1.75 -26.36
C LEU D 268 -23.10 2.78 -27.12
N PHE D 269 -21.78 2.57 -27.15
CA PHE D 269 -20.90 3.55 -27.76
C PHE D 269 -19.72 2.83 -28.40
N SER D 270 -19.19 3.43 -29.47
CA SER D 270 -18.26 2.78 -30.39
C SER D 270 -17.12 3.71 -30.74
N TRP D 271 -15.98 3.12 -31.10
CA TRP D 271 -14.88 3.90 -31.69
C TRP D 271 -15.06 4.02 -33.21
N GLY E 3 0.95 1.56 13.54
CA GLY E 3 0.63 2.75 14.35
C GLY E 3 -0.13 3.76 13.54
N GLN E 4 0.61 4.68 12.90
CA GLN E 4 0.09 5.71 11.96
C GLN E 4 0.05 5.11 10.53
N ALA E 5 -1.12 5.05 9.92
CA ALA E 5 -1.21 4.57 8.55
C ALA E 5 -0.58 5.60 7.61
N LYS E 6 0.27 5.10 6.72
CA LYS E 6 0.86 5.84 5.62
C LYS E 6 0.41 5.17 4.34
N ALA E 7 -0.46 5.85 3.57
CA ALA E 7 -1.05 5.25 2.38
C ALA E 7 -0.84 6.19 1.20
N ALA E 8 -0.28 5.65 0.11
CA ALA E 8 0.12 6.47 -1.02
C ALA E 8 -1.10 6.96 -1.80
N PRO E 9 -1.06 8.20 -2.30
CA PRO E 9 -2.12 8.68 -3.20
C PRO E 9 -2.26 7.80 -4.43
N LYS E 10 -3.46 7.84 -5.01
CA LYS E 10 -3.71 7.38 -6.37
C LYS E 10 -4.31 8.56 -7.11
N VAL E 11 -3.80 8.82 -8.31
CA VAL E 11 -4.06 10.06 -9.02
C VAL E 11 -4.74 9.72 -10.34
N GLN E 12 -5.67 10.57 -10.76
CA GLN E 12 -6.31 10.49 -12.06
C GLN E 12 -6.35 11.90 -12.62
N VAL E 13 -5.80 12.10 -13.82
CA VAL E 13 -5.88 13.38 -14.51
C VAL E 13 -6.85 13.20 -15.68
N TYR E 14 -7.78 14.14 -15.83
CA TYR E 14 -8.86 14.00 -16.79
C TYR E 14 -9.49 15.37 -17.03
N SER E 15 -10.15 15.51 -18.18
CA SER E 15 -10.83 16.74 -18.56
C SER E 15 -12.34 16.62 -18.33
N ARG E 16 -12.96 17.76 -18.01
CA ARG E 16 -14.38 17.80 -17.70
C ARG E 16 -15.20 17.28 -18.88
N HIS E 17 -14.93 17.77 -20.06
CA HIS E 17 -15.54 17.43 -21.33
C HIS E 17 -14.53 16.73 -22.22
N PRO E 18 -15.01 15.85 -23.10
CA PRO E 18 -14.09 15.26 -24.07
C PRO E 18 -13.39 16.38 -24.82
N ALA E 19 -12.09 16.20 -25.04
CA ALA E 19 -11.22 17.30 -25.43
C ALA E 19 -11.27 17.53 -26.94
N THR E 20 -11.12 18.80 -27.30
CA THR E 20 -10.94 19.21 -28.69
C THR E 20 -9.88 20.30 -28.72
N ALA E 21 -8.88 20.15 -29.58
CA ALA E 21 -7.77 21.09 -29.60
C ALA E 21 -8.27 22.50 -29.88
N GLY E 22 -7.89 23.44 -29.03
CA GLY E 22 -8.31 24.81 -29.15
C GLY E 22 -9.62 25.14 -28.49
N THR E 23 -10.22 24.22 -27.75
CA THR E 23 -11.53 24.45 -27.14
C THR E 23 -11.38 24.46 -25.63
N GLU E 24 -11.85 25.55 -25.00
CA GLU E 24 -11.80 25.70 -23.56
C GLU E 24 -12.38 24.46 -22.88
N ASN E 25 -11.80 24.15 -21.72
CA ASN E 25 -12.17 22.96 -20.98
C ASN E 25 -11.68 23.19 -19.55
N ILE E 26 -11.90 22.18 -18.71
CA ILE E 26 -11.43 22.17 -17.34
C ILE E 26 -10.56 20.94 -17.15
N LEU E 27 -9.36 21.14 -16.60
CA LEU E 27 -8.47 20.05 -16.27
C LEU E 27 -8.71 19.63 -14.83
N ASN E 28 -8.89 18.34 -14.60
CA ASN E 28 -9.08 17.81 -13.27
C ASN E 28 -7.90 16.95 -12.87
N CYS E 29 -7.48 17.08 -11.61
CA CYS E 29 -6.57 16.13 -10.97
C CYS E 29 -7.21 15.69 -9.67
N TYR E 30 -7.61 14.43 -9.60
CA TYR E 30 -8.26 13.90 -8.42
C TYR E 30 -7.29 12.95 -7.73
N VAL E 31 -6.90 13.33 -6.51
CA VAL E 31 -5.95 12.58 -5.70
C VAL E 31 -6.72 11.91 -4.57
N GLU E 32 -6.45 10.63 -4.34
CA GLU E 32 -7.25 9.90 -3.38
C GLU E 32 -6.45 8.77 -2.76
N GLY E 33 -7.00 8.19 -1.70
CA GLY E 33 -6.38 7.06 -1.02
C GLY E 33 -5.20 7.41 -0.13
N PHE E 34 -5.02 8.67 0.25
CA PHE E 34 -3.81 9.07 0.95
C PHE E 34 -4.06 9.33 2.43
N HIS E 35 -2.99 9.19 3.23
CA HIS E 35 -2.96 9.46 4.67
C HIS E 35 -1.52 9.63 5.12
N PRO E 36 -1.21 10.68 5.92
CA PRO E 36 -2.10 11.67 6.56
C PRO E 36 -2.60 12.71 5.55
N PRO E 37 -3.42 13.70 5.95
CA PRO E 37 -4.04 14.59 4.93
C PRO E 37 -3.06 15.55 4.27
N LYS E 38 -1.94 15.89 4.89
CA LYS E 38 -1.05 16.89 4.32
C LYS E 38 -0.53 16.42 2.95
N ILE E 39 -0.61 17.30 1.96
CA ILE E 39 -0.36 16.91 0.59
C ILE E 39 -0.06 18.17 -0.22
N ASP E 40 0.68 17.99 -1.30
CA ASP E 40 0.83 19.04 -2.31
C ASP E 40 0.38 18.46 -3.64
N ILE E 41 -0.62 19.09 -4.24
CA ILE E 41 -1.11 18.74 -5.57
C ILE E 41 -0.96 19.97 -6.44
N ALA E 42 -0.31 19.81 -7.59
CA ALA E 42 -0.09 20.95 -8.48
C ALA E 42 -0.53 20.61 -9.91
N LEU E 43 -1.06 21.61 -10.61
CA LEU E 43 -1.41 21.47 -12.02
C LEU E 43 -0.36 22.21 -12.84
N LEU E 44 0.23 21.52 -13.81
CA LEU E 44 1.38 22.03 -14.56
C LEU E 44 1.10 22.04 -16.05
N LYS E 45 1.39 23.16 -16.70
CA LYS E 45 1.35 23.31 -18.16
C LYS E 45 2.77 23.35 -18.66
N ASN E 46 3.18 22.33 -19.41
CA ASN E 46 4.57 22.21 -19.90
C ASN E 46 5.57 22.35 -18.76
N GLY E 47 5.25 21.75 -17.61
CA GLY E 47 6.09 21.81 -16.43
C GLY E 47 5.99 23.09 -15.63
N GLU E 48 5.09 24.03 -16.03
CA GLU E 48 4.92 25.33 -15.39
C GLU E 48 3.59 25.39 -14.65
N PRO E 49 3.53 26.05 -13.48
CA PRO E 49 2.25 26.14 -12.77
C PRO E 49 1.23 26.91 -13.59
N MET E 50 0.00 26.38 -13.60
CA MET E 50 -1.12 26.94 -14.33
C MET E 50 -1.80 28.05 -13.53
N LYS E 51 -2.40 29.00 -14.24
CA LYS E 51 -3.22 30.02 -13.58
C LYS E 51 -4.55 29.43 -13.13
N ASP E 52 -5.24 30.17 -12.25
CA ASP E 52 -6.64 29.88 -11.82
C ASP E 52 -6.85 28.45 -11.30
N VAL E 53 -5.97 27.93 -10.47
CA VAL E 53 -6.17 26.61 -9.92
C VAL E 53 -7.09 26.74 -8.71
N LYS E 54 -8.10 25.88 -8.65
CA LYS E 54 -9.00 25.83 -7.51
C LYS E 54 -8.94 24.46 -6.87
N TYR E 55 -9.23 24.43 -5.58
CA TYR E 55 -9.12 23.24 -4.74
C TYR E 55 -10.49 22.96 -4.15
N ASN E 56 -10.94 21.73 -4.25
CA ASN E 56 -12.21 21.32 -3.66
C ASN E 56 -12.01 20.77 -2.24
N ASP E 57 -13.12 20.57 -1.54
CA ASP E 57 -13.08 20.16 -0.14
C ASP E 57 -12.45 18.79 0.00
N MET E 58 -11.43 18.69 0.84
CA MET E 58 -10.88 17.38 1.18
C MET E 58 -11.92 16.57 1.90
N SER E 59 -12.02 15.30 1.53
CA SER E 59 -12.99 14.42 2.15
C SER E 59 -12.29 13.11 2.51
N PHE E 60 -13.01 12.25 3.22
CA PHE E 60 -12.49 10.94 3.62
C PHE E 60 -13.59 9.89 3.53
N GLY E 61 -13.20 8.64 3.35
CA GLY E 61 -14.16 7.54 3.26
C GLY E 61 -14.02 6.51 4.35
N ASP E 62 -14.64 5.36 4.11
CA ASP E 62 -14.71 4.19 5.01
C ASP E 62 -13.35 3.81 5.61
N ASP E 63 -12.26 3.93 4.85
CA ASP E 63 -10.92 3.48 5.34
C ASP E 63 -10.05 4.62 5.88
N TRP E 64 -10.65 5.76 6.17
CA TRP E 64 -10.01 7.00 6.71
C TRP E 64 -9.08 7.69 5.71
N THR E 65 -8.83 7.15 4.52
CA THR E 65 -7.95 7.84 3.59
C THR E 65 -8.72 9.00 2.95
N PHE E 66 -7.98 9.98 2.47
CA PHE E 66 -8.52 11.23 1.99
C PHE E 66 -8.58 11.29 0.46
N GLN E 67 -9.40 12.23 -0.02
CA GLN E 67 -9.52 12.55 -1.43
C GLN E 67 -9.57 14.05 -1.59
N ARG E 68 -9.11 14.52 -2.74
CA ARG E 68 -9.14 15.96 -3.03
C ARG E 68 -9.13 16.15 -4.53
N LEU E 69 -10.05 16.97 -5.03
CA LEU E 69 -10.07 17.34 -6.43
C LEU E 69 -9.38 18.68 -6.61
N VAL E 70 -8.54 18.79 -7.63
CA VAL E 70 -7.86 20.02 -7.99
C VAL E 70 -8.12 20.30 -9.47
N TYR E 71 -8.33 21.58 -9.83
CA TYR E 71 -8.76 21.85 -11.20
C TYR E 71 -8.48 23.30 -11.60
N ALA E 72 -8.21 23.47 -12.89
CA ALA E 72 -8.12 24.78 -13.51
C ALA E 72 -8.76 24.73 -14.89
N PRO E 73 -9.24 25.87 -15.39
CA PRO E 73 -9.67 25.93 -16.78
C PRO E 73 -8.46 25.91 -17.68
N PHE E 74 -8.64 25.40 -18.89
CA PHE E 74 -7.53 25.39 -19.83
C PHE E 74 -8.08 25.15 -21.22
N THR E 75 -7.27 25.47 -22.22
CA THR E 75 -7.58 25.15 -23.62
C THR E 75 -6.47 24.27 -24.16
N PRO E 76 -6.67 22.96 -24.23
CA PRO E 76 -5.61 22.06 -24.70
C PRO E 76 -5.23 22.33 -26.14
N THR E 77 -4.08 21.80 -26.53
CA THR E 77 -3.55 21.93 -27.89
C THR E 77 -3.05 20.54 -28.32
N LYS E 78 -2.23 20.51 -29.37
CA LYS E 78 -1.57 19.27 -29.74
C LYS E 78 -0.16 19.15 -29.19
N SER E 79 0.44 20.26 -28.76
CA SER E 79 1.80 20.27 -28.23
C SER E 79 1.86 20.43 -26.72
N ASP E 80 1.06 21.33 -26.14
CA ASP E 80 1.07 21.53 -24.69
C ASP E 80 0.79 20.22 -23.96
N VAL E 81 1.65 19.91 -22.99
CA VAL E 81 1.48 18.72 -22.16
C VAL E 81 1.10 19.18 -20.76
N TYR E 82 0.11 18.52 -20.18
CA TYR E 82 -0.43 18.90 -18.88
C TYR E 82 -0.18 17.76 -17.92
N THR E 83 0.39 18.07 -16.75
CA THR E 83 0.68 17.05 -15.75
C THR E 83 0.12 17.45 -14.39
N CYS E 84 -0.01 16.46 -13.52
CA CYS E 84 -0.37 16.69 -12.13
C CYS E 84 0.75 16.17 -11.25
N ARG E 85 1.43 17.08 -10.56
CA ARG E 85 2.56 16.74 -9.69
C ARG E 85 2.08 16.67 -8.25
N VAL E 86 2.20 15.48 -7.65
CA VAL E 86 1.77 15.22 -6.28
C VAL E 86 2.98 14.91 -5.42
N ASP E 87 3.14 15.64 -4.32
CA ASP E 87 4.14 15.34 -3.29
C ASP E 87 3.43 14.92 -2.02
N HIS E 88 3.76 13.74 -1.50
CA HIS E 88 3.14 13.24 -0.27
C HIS E 88 4.14 12.36 0.44
N GLU E 89 4.04 12.29 1.76
CA GLU E 89 5.12 11.64 2.48
C GLU E 89 5.10 10.12 2.30
N ALA E 90 4.04 9.56 1.73
CA ALA E 90 4.12 8.16 1.34
C ALA E 90 4.86 7.97 0.02
N PHE E 91 5.07 9.04 -0.76
CA PHE E 91 5.94 8.98 -1.93
C PHE E 91 7.40 9.22 -1.51
N THR E 92 8.32 8.57 -2.22
CA THR E 92 9.76 8.84 -2.06
C THR E 92 10.14 10.23 -2.56
N GLU E 93 9.49 10.67 -3.64
CA GLU E 93 9.74 11.94 -4.31
C GLU E 93 8.44 12.36 -4.95
N PRO E 94 8.26 13.65 -5.26
CA PRO E 94 7.04 14.06 -5.96
C PRO E 94 6.84 13.23 -7.24
N GLN E 95 5.58 12.88 -7.51
CA GLN E 95 5.22 12.07 -8.65
C GLN E 95 4.30 12.85 -9.57
N SER E 96 4.44 12.58 -10.87
CA SER E 96 3.80 13.38 -11.92
C SER E 96 2.88 12.48 -12.73
N PHE E 97 1.73 13.03 -13.09
CA PHE E 97 0.74 12.26 -13.81
C PHE E 97 0.28 13.10 -14.99
N ARG E 98 0.39 12.55 -16.18
CA ARG E 98 0.19 13.32 -17.41
C ARG E 98 -1.21 13.10 -17.93
N TRP E 99 -1.87 14.18 -18.30
CA TRP E 99 -3.18 14.11 -18.91
C TRP E 99 -3.08 13.52 -20.31
N GLU E 100 -3.91 12.51 -20.58
CA GLU E 100 -4.00 11.91 -21.94
C GLU E 100 -5.16 12.59 -22.68
N PRO E 101 -4.90 13.46 -23.68
CA PRO E 101 -5.97 14.21 -24.35
C PRO E 101 -7.10 13.40 -24.99
N ASP E 102 -6.82 12.25 -25.57
CA ASP E 102 -7.90 11.41 -26.17
C ASP E 102 -8.73 12.20 -27.19
N PHE E 103 -8.09 12.97 -28.06
CA PHE E 103 -8.75 13.74 -29.14
C PHE E 103 -9.39 12.78 -30.13
N CYS F 1 -28.29 19.54 10.63
CA CYS F 1 -27.66 20.39 11.68
C CYS F 1 -26.68 19.54 12.50
N ALA F 2 -25.58 20.15 12.90
CA ALA F 2 -24.49 19.48 13.63
C ALA F 2 -24.89 19.17 15.08
N ALA F 3 -24.47 18.00 15.55
CA ALA F 3 -24.75 17.54 16.90
C ALA F 3 -23.87 18.25 17.93
N MET F 4 -24.47 18.66 19.06
CA MET F 4 -23.72 19.30 20.14
C MET F 4 -22.90 18.26 20.90
N ASP F 5 -21.57 18.47 20.87
CA ASP F 5 -20.56 17.43 21.12
C ASP F 5 -20.40 17.10 22.60
N ASP F 6 -21.24 16.18 23.08
CA ASP F 6 -21.45 16.13 24.52
C ASP F 6 -20.43 15.26 25.30
N PHE F 7 -19.27 14.88 24.71
CA PHE F 7 -18.30 14.08 25.47
C PHE F 7 -16.94 13.92 24.79
N GLN F 8 -15.86 14.12 25.54
CA GLN F 8 -14.53 13.98 24.97
C GLN F 8 -13.98 12.55 25.17
N LEU F 9 -12.92 12.23 24.44
CA LEU F 9 -12.37 10.86 24.40
C LEU F 9 -11.66 10.46 25.71
#